data_5WBF
#
_entry.id   5WBF
#
_cell.length_a   189.33
_cell.length_b   103.17
_cell.length_c   61.79
_cell.angle_alpha   90
_cell.angle_beta   98.32
_cell.angle_gamma   90
#
_symmetry.space_group_name_H-M   'C 1 2 1'
#
loop_
_entity.id
_entity.type
_entity.pdbx_description
1 polymer 'Methyl-accepting chemotaxis transducer (TlpC)'
2 non-polymer 'LACTIC ACID'
3 non-polymer GLYCEROL
4 water water
#
_entity_poly.entity_id   1
_entity_poly.type   'polypeptide(L)'
_entity_poly.pdbx_seq_one_letter_code
;GIDPFTESVLQSQATELLQKKAQLVSFKIQGIMKRIFMGANTLEKFLSDENSAINDTLKRRMLSEFLLANPHVLLVSAIY
TNNNERVITAMSMDSKIAYPNTTLNENMTNQIRSLKSITHSDPYYKEVNGDKIYGMDITLPLMGKNQNAIGALNFFLNID
AFYTDVVGKKKSNTFLMGKDGRLLINPNREIQDKILSAINPDRRVAKAVEYYNQNEAGTLSYHSLSGNTETFLAIQPFDF
FEEKGNNGNHWRWAIGKYVNKSLVFKEATN
;
_entity_poly.pdbx_strand_id   A,B,C
#
# COMPACT_ATOMS: atom_id res chain seq x y z
N GLY A 1 -13.27 7.13 -27.09
CA GLY A 1 -12.55 5.86 -27.39
C GLY A 1 -11.16 6.19 -27.90
N ILE A 2 -11.08 6.94 -29.01
CA ILE A 2 -9.79 7.30 -29.63
C ILE A 2 -8.90 8.19 -28.72
N ASP A 3 -9.50 8.84 -27.71
CA ASP A 3 -8.81 9.86 -26.98
C ASP A 3 -8.43 9.47 -25.52
N PRO A 4 -7.15 9.29 -25.29
CA PRO A 4 -6.69 8.96 -23.94
C PRO A 4 -7.05 10.01 -22.88
N PHE A 5 -7.10 11.28 -23.23
CA PHE A 5 -7.49 12.31 -22.23
C PHE A 5 -8.93 12.15 -21.77
N THR A 6 -9.85 12.03 -22.73
CA THR A 6 -11.23 11.83 -22.42
C THR A 6 -11.43 10.54 -21.53
N GLU A 7 -10.79 9.44 -21.91
CA GLU A 7 -10.87 8.20 -21.26
C GLU A 7 -10.45 8.35 -19.81
N SER A 8 -9.33 8.99 -19.56
CA SER A 8 -8.83 9.18 -18.22
C SER A 8 -9.81 9.97 -17.38
N VAL A 9 -10.28 11.09 -17.93
CA VAL A 9 -11.28 11.93 -17.27
C VAL A 9 -12.60 11.18 -16.96
N LEU A 10 -13.13 10.50 -17.94
CA LEU A 10 -14.37 9.78 -17.75
C LEU A 10 -14.22 8.62 -16.75
N GLN A 11 -13.10 7.89 -16.82
CA GLN A 11 -12.87 6.79 -15.95
C GLN A 11 -12.80 7.23 -14.53
N SER A 12 -11.94 8.23 -14.30
CA SER A 12 -11.71 8.74 -12.98
C SER A 12 -13.04 9.23 -12.39
N GLN A 13 -13.81 9.95 -13.19
CA GLN A 13 -15.10 10.46 -12.75
C GLN A 13 -16.02 9.29 -12.37
N ALA A 14 -16.10 8.30 -13.21
CA ALA A 14 -17.03 7.22 -13.00
C ALA A 14 -16.68 6.33 -11.80
N THR A 15 -15.39 6.13 -11.52
CA THR A 15 -14.96 5.27 -10.45
C THR A 15 -15.08 6.01 -9.09
N GLU A 16 -14.88 7.32 -9.09
CA GLU A 16 -15.10 8.16 -7.91
C GLU A 16 -16.57 8.19 -7.49
N LEU A 17 -17.46 8.28 -8.45
CA LEU A 17 -18.88 8.23 -8.20
C LEU A 17 -19.34 6.88 -7.67
N LEU A 18 -18.80 5.83 -8.26
CA LEU A 18 -19.08 4.45 -7.85
C LEU A 18 -18.75 4.23 -6.38
N GLN A 19 -17.59 4.67 -5.95
CA GLN A 19 -17.14 4.56 -4.59
C GLN A 19 -17.96 5.41 -3.61
N LYS A 20 -18.34 6.62 -4.03
CA LYS A 20 -19.17 7.51 -3.26
C LYS A 20 -20.52 6.84 -2.98
N LYS A 21 -21.13 6.19 -3.97
CA LYS A 21 -22.42 5.59 -3.81
C LYS A 21 -22.32 4.36 -2.89
N ALA A 22 -21.23 3.64 -2.99
CA ALA A 22 -21.07 2.42 -2.27
C ALA A 22 -20.87 2.77 -0.77
N GLN A 23 -20.18 3.88 -0.51
CA GLN A 23 -19.96 4.40 0.83
C GLN A 23 -21.23 4.86 1.51
N LEU A 24 -22.15 5.47 0.76
CA LEU A 24 -23.41 5.84 1.27
C LEU A 24 -24.21 4.59 1.72
N VAL A 25 -24.18 3.51 0.92
CA VAL A 25 -24.96 2.32 1.26
C VAL A 25 -24.40 1.69 2.50
N SER A 26 -23.07 1.61 2.60
CA SER A 26 -22.44 0.98 3.71
C SER A 26 -22.66 1.81 4.99
N PHE A 27 -22.63 3.11 4.86
CA PHE A 27 -22.87 3.97 6.02
C PHE A 27 -24.31 3.74 6.59
N LYS A 28 -25.30 3.60 5.69
CA LYS A 28 -26.65 3.32 6.05
C LYS A 28 -26.77 1.97 6.76
N ILE A 29 -26.12 0.93 6.25
CA ILE A 29 -26.13 -0.36 6.87
C ILE A 29 -25.51 -0.34 8.22
N GLN A 30 -24.37 0.34 8.37
CA GLN A 30 -23.71 0.43 9.63
C GLN A 30 -24.62 1.09 10.67
N GLY A 31 -25.37 2.12 10.25
CA GLY A 31 -26.28 2.85 11.10
C GLY A 31 -27.39 1.87 11.61
N ILE A 32 -27.94 1.08 10.71
CA ILE A 32 -28.93 0.09 11.06
C ILE A 32 -28.37 -0.88 12.09
N MET A 33 -27.14 -1.35 11.85
CA MET A 33 -26.56 -2.35 12.69
C MET A 33 -26.12 -1.81 14.04
N LYS A 34 -25.64 -0.59 14.03
CA LYS A 34 -25.35 0.10 15.30
C LYS A 34 -26.57 0.15 16.25
N ARG A 35 -27.74 0.46 15.70
N ARG A 35 -27.75 0.49 15.70
CA ARG A 35 -28.94 0.52 16.47
CA ARG A 35 -28.92 0.60 16.52
C ARG A 35 -29.29 -0.88 17.02
C ARG A 35 -29.28 -0.78 17.10
N ILE A 36 -29.11 -1.93 16.20
N ILE A 36 -29.10 -1.83 16.30
CA ILE A 36 -29.36 -3.29 16.64
CA ILE A 36 -29.43 -3.18 16.76
C ILE A 36 -28.54 -3.60 17.89
C ILE A 36 -28.53 -3.61 17.91
N PHE A 37 -27.22 -3.44 17.78
CA PHE A 37 -26.29 -3.82 18.85
C PHE A 37 -26.43 -2.97 20.10
N MET A 38 -26.78 -1.69 19.95
CA MET A 38 -27.01 -0.81 21.09
C MET A 38 -28.24 -1.35 21.87
N GLY A 39 -29.29 -1.66 21.13
CA GLY A 39 -30.45 -2.23 21.75
C GLY A 39 -30.16 -3.58 22.40
N ALA A 40 -29.38 -4.44 21.72
CA ALA A 40 -29.03 -5.71 22.32
C ALA A 40 -28.22 -5.56 23.62
N ASN A 41 -27.39 -4.54 23.69
N ASN A 41 -27.38 -4.54 23.69
CA ASN A 41 -26.66 -4.20 24.89
CA ASN A 41 -26.64 -4.21 24.91
C ASN A 41 -27.61 -3.78 26.02
C ASN A 41 -27.58 -3.73 26.04
N THR A 42 -28.57 -2.92 25.70
CA THR A 42 -29.61 -2.49 26.64
C THR A 42 -30.41 -3.69 27.15
N LEU A 43 -30.78 -4.59 26.25
CA LEU A 43 -31.58 -5.76 26.63
C LEU A 43 -30.78 -6.67 27.56
N GLU A 44 -29.49 -6.78 27.31
CA GLU A 44 -28.59 -7.66 28.07
C GLU A 44 -28.53 -7.22 29.53
N LYS A 45 -28.44 -5.93 29.76
CA LYS A 45 -28.44 -5.41 31.12
C LYS A 45 -29.75 -5.74 31.88
N PHE A 46 -30.88 -5.69 31.19
CA PHE A 46 -32.15 -5.99 31.87
C PHE A 46 -32.40 -7.46 32.07
N LEU A 47 -31.97 -8.29 31.15
CA LEU A 47 -32.26 -9.67 31.18
C LEU A 47 -31.32 -10.45 32.10
N SER A 48 -30.25 -9.82 32.55
CA SER A 48 -29.26 -10.53 33.32
C SER A 48 -29.15 -9.93 34.73
N ASP A 49 -30.22 -9.30 35.19
N ASP A 49 -30.26 -9.34 35.20
CA ASP A 49 -30.14 -8.61 36.47
CA ASP A 49 -30.28 -8.64 36.46
C ASP A 49 -30.60 -9.50 37.61
C ASP A 49 -30.63 -9.57 37.60
N GLU A 50 -29.62 -9.94 38.38
CA GLU A 50 -29.76 -10.47 39.74
C GLU A 50 -31.11 -10.24 40.49
N ASN A 51 -31.42 -8.98 40.74
CA ASN A 51 -32.42 -8.56 41.70
C ASN A 51 -33.51 -7.80 40.98
N SER A 52 -34.17 -8.49 40.06
CA SER A 52 -35.14 -7.83 39.21
C SER A 52 -36.59 -8.05 39.69
N ALA A 53 -37.36 -6.96 39.71
CA ALA A 53 -38.80 -7.00 39.85
C ALA A 53 -39.46 -7.44 38.53
N ILE A 54 -38.67 -7.56 37.47
CA ILE A 54 -39.15 -7.89 36.12
C ILE A 54 -39.39 -9.38 35.86
N ASN A 55 -40.66 -9.73 35.71
CA ASN A 55 -41.03 -11.11 35.39
C ASN A 55 -40.89 -11.42 33.90
N ASP A 56 -41.21 -12.65 33.54
CA ASP A 56 -41.16 -13.06 32.16
C ASP A 56 -42.11 -12.27 31.23
N THR A 57 -43.20 -11.77 31.78
CA THR A 57 -44.17 -11.00 31.04
C THR A 57 -43.58 -9.68 30.57
N LEU A 58 -42.93 -8.95 31.47
CA LEU A 58 -42.34 -7.69 31.13
C LEU A 58 -41.05 -7.86 30.30
N LYS A 59 -40.39 -9.00 30.44
CA LYS A 59 -39.29 -9.34 29.59
C LYS A 59 -39.80 -9.50 28.15
N ARG A 60 -40.89 -10.21 27.99
CA ARG A 60 -41.56 -10.34 26.74
C ARG A 60 -41.90 -9.00 26.10
N ARG A 61 -42.28 -8.04 26.92
CA ARG A 61 -42.69 -6.75 26.39
C ARG A 61 -41.48 -5.98 25.87
N MET A 62 -40.40 -6.05 26.61
CA MET A 62 -39.22 -5.36 26.20
C MET A 62 -38.62 -6.03 24.88
N LEU A 63 -38.68 -7.34 24.78
CA LEU A 63 -38.18 -8.07 23.63
C LEU A 63 -39.00 -7.69 22.42
N SER A 64 -40.32 -7.61 22.57
CA SER A 64 -41.16 -7.23 21.47
C SER A 64 -40.93 -5.77 21.06
N GLU A 65 -40.64 -4.91 22.01
CA GLU A 65 -40.32 -3.54 21.67
C GLU A 65 -39.01 -3.42 20.91
N PHE A 66 -38.06 -4.27 21.24
CA PHE A 66 -36.82 -4.34 20.51
C PHE A 66 -37.09 -4.61 19.03
N LEU A 67 -37.98 -5.53 18.77
CA LEU A 67 -38.35 -5.92 17.46
C LEU A 67 -39.07 -4.80 16.73
N LEU A 68 -39.93 -4.07 17.44
CA LEU A 68 -40.66 -2.94 16.84
C LEU A 68 -39.68 -1.87 16.37
N ALA A 69 -38.69 -1.58 17.18
CA ALA A 69 -37.72 -0.58 16.85
C ALA A 69 -36.67 -1.04 15.78
N ASN A 70 -36.49 -2.36 15.65
CA ASN A 70 -35.48 -2.97 14.75
C ASN A 70 -36.08 -4.00 13.83
N PRO A 71 -36.74 -3.57 12.75
CA PRO A 71 -37.47 -4.51 11.89
C PRO A 71 -36.53 -5.44 11.06
N HIS A 72 -35.23 -5.16 11.06
CA HIS A 72 -34.26 -6.03 10.41
C HIS A 72 -33.95 -7.25 11.28
N VAL A 73 -34.49 -7.29 12.49
CA VAL A 73 -34.36 -8.43 13.38
C VAL A 73 -35.67 -9.25 13.34
N LEU A 74 -35.59 -10.52 12.98
CA LEU A 74 -36.75 -11.40 12.86
C LEU A 74 -37.27 -11.92 14.23
N LEU A 75 -36.36 -12.37 15.07
CA LEU A 75 -36.73 -12.82 16.45
C LEU A 75 -35.64 -12.58 17.43
N VAL A 76 -35.98 -12.61 18.70
CA VAL A 76 -35.03 -12.37 19.79
C VAL A 76 -35.40 -13.30 20.99
N SER A 77 -34.40 -13.89 21.62
CA SER A 77 -34.63 -14.89 22.67
C SER A 77 -33.74 -14.62 23.85
N ALA A 78 -34.36 -14.54 25.04
CA ALA A 78 -33.65 -14.56 26.29
C ALA A 78 -33.58 -16.02 26.73
N ILE A 79 -32.37 -16.57 26.73
CA ILE A 79 -32.17 -17.97 27.06
C ILE A 79 -31.47 -18.07 28.41
N TYR A 80 -32.13 -18.73 29.36
CA TYR A 80 -31.56 -18.88 30.69
C TYR A 80 -31.16 -20.32 30.92
N THR A 81 -29.92 -20.49 31.38
CA THR A 81 -29.38 -21.79 31.63
C THR A 81 -29.14 -22.04 33.10
N ASN A 82 -29.00 -20.96 33.87
CA ASN A 82 -28.62 -21.04 35.27
C ASN A 82 -29.57 -21.96 36.08
N ASN A 83 -30.83 -21.58 36.22
CA ASN A 83 -31.80 -22.26 37.07
C ASN A 83 -33.16 -21.70 36.77
N ASN A 84 -34.16 -22.56 36.74
CA ASN A 84 -35.41 -22.24 36.06
C ASN A 84 -35.13 -21.98 34.59
N GLU A 85 -34.43 -22.94 34.00
CA GLU A 85 -33.96 -22.84 32.66
C GLU A 85 -35.21 -22.65 31.80
N ARG A 86 -35.21 -21.58 30.98
CA ARG A 86 -36.33 -21.29 30.10
C ARG A 86 -35.90 -20.46 28.89
N VAL A 87 -36.71 -20.51 27.84
CA VAL A 87 -36.47 -19.67 26.67
C VAL A 87 -37.64 -18.74 26.45
N ILE A 88 -37.38 -17.45 26.54
CA ILE A 88 -38.40 -16.45 26.26
C ILE A 88 -38.12 -15.81 24.90
N THR A 89 -39.00 -16.03 23.96
CA THR A 89 -38.80 -15.58 22.58
C THR A 89 -39.93 -14.68 22.08
N ALA A 90 -39.56 -13.54 21.51
CA ALA A 90 -40.46 -12.74 20.72
C ALA A 90 -40.07 -12.91 19.28
N MET A 91 -41.04 -12.99 18.41
CA MET A 91 -40.77 -13.12 16.99
C MET A 91 -41.69 -12.22 16.19
N SER A 92 -41.14 -11.57 15.18
CA SER A 92 -41.92 -10.68 14.36
C SER A 92 -42.06 -11.27 12.97
N MET A 93 -43.25 -11.76 12.65
CA MET A 93 -43.53 -12.35 11.36
C MET A 93 -44.76 -11.70 10.81
N ASP A 94 -44.77 -11.47 9.51
CA ASP A 94 -45.71 -10.56 8.89
C ASP A 94 -45.67 -9.26 9.72
N SER A 95 -46.82 -8.78 10.19
CA SER A 95 -46.88 -7.57 11.01
C SER A 95 -47.20 -7.87 12.48
N LYS A 96 -47.19 -9.15 12.84
CA LYS A 96 -47.59 -9.55 14.19
C LYS A 96 -46.46 -10.21 14.96
N ILE A 97 -46.39 -9.87 16.25
CA ILE A 97 -45.39 -10.40 17.17
C ILE A 97 -45.92 -11.57 17.96
N ALA A 98 -45.30 -12.72 17.75
CA ALA A 98 -45.68 -13.91 18.42
C ALA A 98 -44.66 -14.20 19.51
N TYR A 99 -44.94 -15.23 20.31
CA TYR A 99 -44.08 -15.69 21.41
C TYR A 99 -43.94 -17.19 21.44
N PRO A 100 -43.33 -17.77 20.41
CA PRO A 100 -43.30 -19.23 20.28
C PRO A 100 -42.59 -19.91 21.44
N ASN A 101 -42.93 -21.17 21.70
CA ASN A 101 -42.32 -21.90 22.83
C ASN A 101 -41.11 -22.71 22.39
N THR A 102 -39.94 -22.31 22.85
CA THR A 102 -38.70 -22.97 22.48
C THR A 102 -38.24 -23.74 23.70
N THR A 103 -37.94 -25.01 23.51
CA THR A 103 -37.31 -25.80 24.56
C THR A 103 -35.81 -25.84 24.31
N LEU A 104 -35.03 -25.65 25.38
CA LEU A 104 -33.60 -25.51 25.26
C LEU A 104 -32.96 -26.86 25.01
N ASN A 105 -32.41 -27.08 23.82
CA ASN A 105 -31.77 -28.36 23.53
C ASN A 105 -30.29 -28.36 23.93
N GLU A 106 -29.73 -29.55 24.08
CA GLU A 106 -28.34 -29.72 24.51
C GLU A 106 -27.36 -29.12 23.47
N ASN A 107 -27.85 -28.96 22.24
CA ASN A 107 -27.12 -28.27 21.18
C ASN A 107 -26.81 -26.81 21.59
N MET A 108 -27.85 -26.06 21.97
CA MET A 108 -27.67 -24.67 22.35
C MET A 108 -27.02 -24.56 23.72
N THR A 109 -27.34 -25.49 24.62
CA THR A 109 -27.14 -25.33 26.07
C THR A 109 -25.71 -25.01 26.53
N ASN A 110 -24.79 -25.95 26.37
CA ASN A 110 -23.45 -25.78 26.93
C ASN A 110 -22.67 -24.66 26.24
N GLN A 111 -22.80 -24.59 24.90
CA GLN A 111 -22.23 -23.49 24.09
C GLN A 111 -22.45 -22.14 24.77
N ILE A 112 -23.62 -21.99 25.40
CA ILE A 112 -24.03 -20.76 26.08
C ILE A 112 -23.35 -20.55 27.43
N ARG A 113 -23.17 -21.62 28.19
CA ARG A 113 -22.70 -21.49 29.59
C ARG A 113 -21.21 -21.19 29.65
N SER A 114 -20.49 -21.66 28.65
CA SER A 114 -19.09 -21.36 28.51
C SER A 114 -18.84 -20.11 27.63
N LEU A 115 -19.91 -19.50 27.11
CA LEU A 115 -19.81 -18.31 26.26
C LEU A 115 -19.40 -17.12 27.05
N LYS A 116 -18.35 -16.45 26.60
CA LYS A 116 -17.89 -15.23 27.29
C LYS A 116 -17.61 -14.03 26.37
N SER A 117 -18.02 -14.14 25.11
CA SER A 117 -18.05 -12.97 24.25
C SER A 117 -19.07 -13.13 23.14
N ILE A 118 -19.39 -12.03 22.49
CA ILE A 118 -20.41 -12.06 21.43
C ILE A 118 -19.97 -12.89 20.26
N THR A 119 -20.87 -13.69 19.71
CA THR A 119 -20.59 -14.45 18.50
C THR A 119 -21.68 -14.29 17.48
N HIS A 120 -21.42 -14.79 16.28
CA HIS A 120 -22.48 -14.90 15.28
C HIS A 120 -22.30 -16.15 14.51
N SER A 121 -23.37 -16.64 13.94
CA SER A 121 -23.26 -17.83 13.16
C SER A 121 -22.88 -17.47 11.73
N ASP A 122 -22.59 -18.51 10.91
CA ASP A 122 -22.53 -18.33 9.48
C ASP A 122 -23.95 -18.03 8.99
N PRO A 123 -24.10 -17.32 7.85
CA PRO A 123 -25.40 -17.11 7.31
C PRO A 123 -26.05 -18.42 6.95
N TYR A 124 -27.36 -18.49 7.09
CA TYR A 124 -28.12 -19.71 6.72
C TYR A 124 -29.56 -19.41 6.48
N TYR A 125 -30.24 -20.26 5.75
CA TYR A 125 -31.68 -20.13 5.49
C TYR A 125 -32.45 -20.78 6.66
N LYS A 126 -33.20 -19.98 7.40
CA LYS A 126 -34.05 -20.45 8.46
C LYS A 126 -35.44 -20.66 7.90
N GLU A 127 -36.02 -21.83 8.20
CA GLU A 127 -37.37 -22.14 7.71
C GLU A 127 -38.41 -21.58 8.69
N VAL A 128 -39.30 -20.73 8.20
CA VAL A 128 -40.33 -20.14 9.02
C VAL A 128 -41.66 -20.02 8.28
N ASN A 129 -42.69 -20.65 8.84
CA ASN A 129 -44.01 -20.73 8.20
C ASN A 129 -43.91 -21.12 6.74
N GLY A 130 -43.10 -22.15 6.46
CA GLY A 130 -42.92 -22.68 5.09
C GLY A 130 -42.06 -21.84 4.15
N ASP A 131 -41.45 -20.77 4.67
CA ASP A 131 -40.53 -19.91 3.90
C ASP A 131 -39.11 -19.92 4.45
N LYS A 132 -38.17 -19.81 3.54
CA LYS A 132 -36.79 -19.71 3.92
C LYS A 132 -36.38 -18.22 4.05
N ILE A 133 -35.85 -17.86 5.21
CA ILE A 133 -35.36 -16.48 5.43
C ILE A 133 -33.87 -16.48 5.65
N TYR A 134 -33.16 -15.74 4.79
CA TYR A 134 -31.71 -15.69 4.87
C TYR A 134 -31.31 -14.79 6.04
N GLY A 135 -30.40 -15.27 6.87
CA GLY A 135 -29.93 -14.51 7.97
C GLY A 135 -28.90 -15.20 8.82
N MET A 136 -28.65 -14.65 9.99
CA MET A 136 -27.71 -15.23 10.90
C MET A 136 -28.12 -15.03 12.37
N ASP A 137 -27.67 -15.93 13.23
CA ASP A 137 -27.83 -15.77 14.64
C ASP A 137 -26.71 -14.99 15.21
N ILE A 138 -27.03 -14.10 16.14
CA ILE A 138 -26.08 -13.34 16.89
C ILE A 138 -26.36 -13.55 18.37
N THR A 139 -25.34 -13.90 19.12
CA THR A 139 -25.52 -14.34 20.48
C THR A 139 -24.63 -13.59 21.44
N LEU A 140 -25.23 -12.97 22.43
CA LEU A 140 -24.51 -12.27 23.47
C LEU A 140 -24.68 -13.06 24.78
N PRO A 141 -23.60 -13.19 25.55
CA PRO A 141 -23.69 -13.87 26.82
C PRO A 141 -24.43 -12.99 27.85
N LEU A 142 -25.34 -13.61 28.59
CA LEU A 142 -25.97 -12.96 29.71
C LEU A 142 -25.08 -13.07 30.94
N MET A 143 -24.49 -11.96 31.31
CA MET A 143 -23.47 -11.92 32.37
C MET A 143 -23.98 -11.51 33.77
N ASN A 148 -18.99 -17.76 34.08
CA ASN A 148 -19.77 -16.76 34.81
C ASN A 148 -21.14 -16.38 34.18
N ALA A 149 -21.37 -16.75 32.92
CA ALA A 149 -22.61 -16.42 32.21
C ALA A 149 -23.82 -17.20 32.73
N ILE A 150 -24.95 -16.52 32.90
CA ILE A 150 -26.17 -17.16 33.41
C ILE A 150 -27.12 -17.55 32.27
N GLY A 151 -26.68 -17.30 31.05
CA GLY A 151 -27.48 -17.64 29.89
C GLY A 151 -27.09 -16.75 28.73
N ALA A 152 -27.98 -16.62 27.73
CA ALA A 152 -27.67 -15.86 26.53
C ALA A 152 -28.83 -15.10 25.90
N LEU A 153 -28.51 -13.97 25.30
CA LEU A 153 -29.41 -13.28 24.39
C LEU A 153 -29.09 -13.65 22.93
N ASN A 154 -30.04 -14.19 22.23
CA ASN A 154 -29.85 -14.53 20.81
C ASN A 154 -30.89 -13.89 19.94
N PHE A 155 -30.47 -13.32 18.82
CA PHE A 155 -31.40 -12.82 17.83
C PHE A 155 -31.05 -13.26 16.44
N PHE A 156 -32.03 -13.31 15.57
CA PHE A 156 -31.80 -13.70 14.21
C PHE A 156 -31.88 -12.44 13.38
N LEU A 157 -30.70 -12.01 12.89
CA LEU A 157 -30.63 -10.89 11.97
C LEU A 157 -31.15 -11.35 10.61
N ASN A 158 -32.18 -10.70 10.12
CA ASN A 158 -32.74 -10.98 8.83
C ASN A 158 -31.97 -10.23 7.70
N ILE A 159 -31.08 -10.94 7.04
CA ILE A 159 -30.28 -10.37 5.99
C ILE A 159 -31.15 -9.96 4.80
N ASP A 160 -32.16 -10.74 4.51
CA ASP A 160 -33.11 -10.39 3.48
C ASP A 160 -33.77 -9.07 3.74
N ALA A 161 -33.89 -8.68 4.98
CA ALA A 161 -34.54 -7.38 5.26
C ALA A 161 -33.69 -6.19 4.80
N PHE A 162 -32.43 -6.43 4.50
CA PHE A 162 -31.56 -5.36 4.01
C PHE A 162 -31.64 -5.19 2.48
N TYR A 163 -32.52 -5.92 1.81
CA TYR A 163 -32.57 -5.96 0.33
C TYR A 163 -32.70 -4.57 -0.28
N THR A 164 -33.67 -3.83 0.18
CA THR A 164 -33.91 -2.48 -0.30
C THR A 164 -32.88 -1.50 0.16
N ASP A 165 -32.29 -1.71 1.34
CA ASP A 165 -31.18 -0.85 1.80
C ASP A 165 -29.92 -1.02 0.87
N VAL A 166 -29.71 -2.21 0.35
CA VAL A 166 -28.55 -2.50 -0.45
C VAL A 166 -28.81 -2.12 -1.90
N VAL A 167 -29.93 -2.60 -2.44
CA VAL A 167 -30.19 -2.53 -3.88
C VAL A 167 -30.93 -1.26 -4.26
N GLY A 168 -31.71 -0.73 -3.33
CA GLY A 168 -32.46 0.50 -3.59
C GLY A 168 -33.91 0.12 -3.91
N LYS A 169 -34.75 1.12 -4.13
CA LYS A 169 -36.15 0.90 -4.52
C LYS A 169 -36.29 0.37 -5.96
N LYS A 170 -35.39 0.82 -6.83
CA LYS A 170 -35.24 0.21 -8.15
C LYS A 170 -34.08 -0.78 -8.18
N LYS A 171 -34.17 -1.75 -9.06
CA LYS A 171 -33.07 -2.66 -9.27
C LYS A 171 -31.81 -1.88 -9.67
N SER A 172 -30.65 -2.32 -9.19
CA SER A 172 -29.40 -1.63 -9.46
C SER A 172 -28.27 -2.60 -9.38
N ASN A 173 -27.07 -2.16 -9.75
CA ASN A 173 -25.92 -3.04 -9.77
C ASN A 173 -25.23 -2.90 -8.42
N THR A 174 -25.85 -3.47 -7.39
CA THR A 174 -25.34 -3.40 -6.03
C THR A 174 -25.51 -4.71 -5.31
N PHE A 175 -24.49 -5.14 -4.55
CA PHE A 175 -24.60 -6.31 -3.78
C PHE A 175 -23.88 -6.19 -2.45
N LEU A 176 -24.24 -7.07 -1.52
CA LEU A 176 -23.61 -7.19 -0.23
C LEU A 176 -22.85 -8.48 -0.20
N MET A 177 -21.58 -8.39 0.19
CA MET A 177 -20.69 -9.49 0.21
C MET A 177 -20.25 -9.80 1.60
N GLY A 178 -20.13 -11.08 1.91
CA GLY A 178 -19.58 -11.49 3.17
C GLY A 178 -18.26 -12.25 3.03
N LYS A 179 -17.99 -13.12 3.99
CA LYS A 179 -16.66 -13.76 4.08
C LYS A 179 -16.35 -14.60 2.84
N ASP A 180 -15.11 -14.50 2.37
CA ASP A 180 -14.65 -15.19 1.18
C ASP A 180 -15.53 -15.00 -0.06
N GLY A 181 -16.15 -13.83 -0.18
CA GLY A 181 -16.84 -13.54 -1.45
C GLY A 181 -18.23 -14.05 -1.55
N ARG A 182 -18.74 -14.53 -0.42
CA ARG A 182 -20.13 -14.97 -0.39
C ARG A 182 -21.11 -13.79 -0.59
N LEU A 183 -22.04 -13.97 -1.49
CA LEU A 183 -23.03 -13.02 -1.78
C LEU A 183 -24.19 -13.08 -0.80
N LEU A 184 -24.27 -12.09 0.08
CA LEU A 184 -25.32 -12.04 1.08
C LEU A 184 -26.58 -11.49 0.54
N ILE A 185 -26.48 -10.49 -0.30
CA ILE A 185 -27.60 -9.86 -0.97
C ILE A 185 -27.20 -9.60 -2.45
N ASN A 186 -28.08 -9.94 -3.35
CA ASN A 186 -27.87 -9.73 -4.78
C ASN A 186 -29.20 -9.53 -5.43
N PRO A 187 -29.31 -8.56 -6.36
CA PRO A 187 -30.56 -8.30 -7.08
C PRO A 187 -31.17 -9.56 -7.67
N ASN A 188 -30.30 -10.44 -8.15
CA ASN A 188 -30.67 -11.78 -8.58
C ASN A 188 -30.58 -12.69 -7.37
N ARG A 189 -31.74 -12.93 -6.77
CA ARG A 189 -31.80 -13.63 -5.49
C ARG A 189 -31.24 -15.04 -5.52
N GLU A 190 -31.15 -15.61 -6.72
CA GLU A 190 -30.81 -17.01 -6.86
C GLU A 190 -29.34 -17.24 -6.71
N ILE A 191 -28.55 -16.16 -6.75
CA ILE A 191 -27.13 -16.35 -6.49
C ILE A 191 -26.75 -15.92 -5.07
N GLN A 192 -27.74 -15.52 -4.28
CA GLN A 192 -27.58 -15.43 -2.82
C GLN A 192 -26.94 -16.69 -2.19
N ASP A 193 -26.13 -16.49 -1.16
CA ASP A 193 -25.43 -17.55 -0.45
C ASP A 193 -24.33 -18.28 -1.28
N LYS A 194 -24.14 -17.86 -2.54
CA LYS A 194 -23.07 -18.42 -3.39
C LYS A 194 -21.73 -17.71 -3.20
N ILE A 195 -20.65 -18.46 -3.37
CA ILE A 195 -19.31 -17.90 -3.38
C ILE A 195 -19.07 -17.30 -4.76
N LEU A 196 -18.62 -16.05 -4.81
CA LEU A 196 -18.54 -15.32 -6.10
C LEU A 196 -17.54 -15.93 -7.06
N SER A 197 -16.35 -16.20 -6.54
CA SER A 197 -15.30 -16.81 -7.31
C SER A 197 -15.66 -18.18 -7.81
N ALA A 198 -16.65 -18.82 -7.18
CA ALA A 198 -17.09 -20.14 -7.60
C ALA A 198 -18.12 -20.07 -8.72
N ILE A 199 -18.68 -18.91 -8.93
CA ILE A 199 -19.70 -18.74 -10.00
C ILE A 199 -19.29 -17.69 -11.05
N ASN A 200 -18.10 -17.15 -10.86
CA ASN A 200 -17.52 -16.17 -11.78
C ASN A 200 -16.07 -16.52 -11.99
N PRO A 201 -15.75 -16.98 -13.21
CA PRO A 201 -14.36 -17.34 -13.53
C PRO A 201 -13.39 -16.15 -13.50
N ASP A 202 -13.89 -14.93 -13.71
CA ASP A 202 -12.99 -13.76 -13.73
C ASP A 202 -12.11 -13.76 -12.50
N ARG A 203 -10.80 -13.71 -12.70
CA ARG A 203 -9.86 -13.91 -11.60
C ARG A 203 -9.51 -12.60 -10.97
N ARG A 204 -10.05 -11.52 -11.53
CA ARG A 204 -9.99 -10.22 -10.84
C ARG A 204 -10.89 -10.21 -9.56
N VAL A 205 -11.86 -11.12 -9.52
CA VAL A 205 -12.65 -11.37 -8.29
C VAL A 205 -11.76 -11.43 -7.07
N ALA A 206 -10.64 -12.13 -7.21
CA ALA A 206 -9.67 -12.22 -6.12
C ALA A 206 -9.26 -10.84 -5.54
N LYS A 207 -9.22 -9.86 -6.44
CA LYS A 207 -8.80 -8.54 -6.03
C LYS A 207 -9.92 -7.86 -5.21
N ALA A 208 -11.15 -8.05 -5.68
CA ALA A 208 -12.34 -7.72 -4.83
C ALA A 208 -12.22 -8.31 -3.43
N VAL A 209 -12.07 -9.64 -3.36
CA VAL A 209 -12.01 -10.37 -2.06
C VAL A 209 -10.82 -9.90 -1.21
N GLU A 210 -9.78 -9.55 -1.93
CA GLU A 210 -8.61 -9.00 -1.34
C GLU A 210 -8.83 -7.60 -0.79
N TYR A 211 -9.50 -6.74 -1.55
CA TYR A 211 -9.89 -5.49 -0.94
C TYR A 211 -10.66 -5.73 0.35
N TYR A 212 -11.57 -6.71 0.29
CA TYR A 212 -12.35 -7.12 1.48
C TYR A 212 -11.43 -7.55 2.61
N ASN A 213 -10.55 -8.50 2.31
CA ASN A 213 -9.63 -9.02 3.35
C ASN A 213 -8.68 -8.00 3.91
N GLN A 214 -8.32 -7.00 3.09
CA GLN A 214 -7.42 -5.94 3.53
C GLN A 214 -8.19 -4.84 4.24
N ASN A 215 -9.50 -4.84 4.08
CA ASN A 215 -10.36 -3.83 4.67
C ASN A 215 -10.04 -2.36 4.24
N GLU A 216 -9.82 -2.17 2.96
N GLU A 216 -10.00 -2.14 2.89
CA GLU A 216 -9.90 -0.81 2.40
CA GLU A 216 -9.62 -0.84 2.28
C GLU A 216 -10.65 -0.86 1.11
C GLU A 216 -10.47 -0.76 1.01
N ALA A 217 -11.27 0.29 0.85
CA ALA A 217 -11.99 0.53 -0.34
C ALA A 217 -11.09 0.51 -1.54
N GLY A 218 -11.61 0.01 -2.65
CA GLY A 218 -10.88 0.03 -3.89
C GLY A 218 -11.76 -0.27 -5.07
N THR A 219 -11.25 0.00 -6.27
CA THR A 219 -11.94 -0.32 -7.52
C THR A 219 -11.13 -1.28 -8.40
N LEU A 220 -11.79 -1.92 -9.35
CA LEU A 220 -11.15 -2.82 -10.25
C LEU A 220 -12.04 -3.02 -11.44
N SER A 221 -11.49 -3.56 -12.51
CA SER A 221 -12.28 -3.90 -13.71
C SER A 221 -12.77 -5.29 -13.53
N TYR A 222 -13.93 -5.61 -14.11
CA TYR A 222 -14.66 -6.79 -13.67
C TYR A 222 -15.74 -7.15 -14.62
N HIS A 223 -15.79 -8.43 -14.94
CA HIS A 223 -16.82 -8.93 -15.85
C HIS A 223 -18.00 -9.41 -15.02
N SER A 224 -19.16 -8.81 -15.25
CA SER A 224 -20.35 -9.04 -14.45
C SER A 224 -21.15 -10.19 -14.97
N LEU A 225 -21.97 -10.77 -14.08
CA LEU A 225 -22.85 -11.87 -14.41
C LEU A 225 -24.17 -11.32 -14.90
N SER A 226 -24.69 -10.32 -14.23
CA SER A 226 -26.01 -9.81 -14.57
C SER A 226 -26.02 -9.06 -15.89
N GLY A 227 -24.88 -8.52 -16.29
CA GLY A 227 -24.79 -7.75 -17.55
C GLY A 227 -23.98 -8.45 -18.64
N ASN A 228 -23.15 -9.42 -18.23
CA ASN A 228 -22.29 -10.15 -19.11
C ASN A 228 -21.38 -9.25 -19.93
N THR A 229 -20.81 -8.24 -19.29
CA THR A 229 -19.98 -7.27 -19.97
C THR A 229 -18.88 -6.79 -19.05
N GLU A 230 -18.05 -5.89 -19.56
CA GLU A 230 -16.97 -5.29 -18.79
C GLU A 230 -17.46 -4.11 -17.92
N THR A 231 -17.06 -4.09 -16.65
CA THR A 231 -17.57 -3.07 -15.74
C THR A 231 -16.46 -2.54 -14.92
N PHE A 232 -16.66 -1.36 -14.36
CA PHE A 232 -15.88 -0.99 -13.20
C PHE A 232 -16.67 -1.46 -11.94
N LEU A 233 -15.96 -1.92 -10.92
CA LEU A 233 -16.56 -2.47 -9.74
C LEU A 233 -15.88 -1.86 -8.57
N ALA A 234 -16.68 -1.27 -7.65
CA ALA A 234 -16.15 -0.71 -6.42
C ALA A 234 -16.45 -1.64 -5.22
N ILE A 235 -15.51 -1.76 -4.30
CA ILE A 235 -15.62 -2.55 -3.16
C ILE A 235 -15.44 -1.67 -1.97
N GLN A 236 -16.47 -1.66 -1.11
CA GLN A 236 -16.41 -0.90 0.12
C GLN A 236 -16.62 -1.84 1.32
N PRO A 237 -15.54 -2.29 1.95
CA PRO A 237 -15.62 -3.09 3.17
C PRO A 237 -15.96 -2.27 4.37
N PHE A 238 -16.69 -2.89 5.29
CA PHE A 238 -17.05 -2.25 6.53
C PHE A 238 -17.39 -3.27 7.62
N ASP A 239 -17.15 -2.91 8.87
CA ASP A 239 -17.50 -3.79 9.97
C ASP A 239 -18.96 -3.58 10.32
N PHE A 240 -19.73 -4.65 10.33
CA PHE A 240 -21.11 -4.54 10.76
C PHE A 240 -21.25 -4.65 12.28
N PHE A 241 -20.12 -4.73 12.99
CA PHE A 241 -20.05 -4.69 14.44
C PHE A 241 -18.65 -4.23 14.89
N GLU A 242 -18.58 -3.35 15.87
CA GLU A 242 -17.30 -2.83 16.41
C GLU A 242 -16.96 -3.33 17.82
N GLU A 243 -15.84 -4.07 17.93
N GLU A 243 -15.75 -3.82 18.03
CA GLU A 243 -15.30 -4.50 19.25
CA GLU A 243 -15.34 -4.28 19.36
C GLU A 243 -14.23 -3.44 19.80
C GLU A 243 -14.19 -3.39 19.99
N LYS A 244 -12.88 -3.82 19.94
CA LYS A 244 -11.72 -3.12 20.73
C LYS A 244 -11.70 -3.50 22.21
N ASN A 249 -11.85 -9.59 8.80
CA ASN A 249 -11.95 -10.79 9.54
C ASN A 249 -13.43 -11.01 9.91
N HIS A 250 -13.74 -11.08 11.21
CA HIS A 250 -14.93 -11.87 11.67
C HIS A 250 -16.27 -11.17 11.45
N TRP A 251 -16.28 -9.84 11.64
CA TRP A 251 -17.53 -9.04 11.57
C TRP A 251 -17.50 -8.08 10.39
N ARG A 252 -16.98 -8.54 9.24
CA ARG A 252 -16.79 -7.67 8.11
C ARG A 252 -17.67 -7.98 6.96
N TRP A 253 -18.30 -6.95 6.38
CA TRP A 253 -19.04 -7.11 5.12
C TRP A 253 -18.42 -6.19 4.06
N ALA A 254 -18.98 -6.19 2.86
CA ALA A 254 -18.64 -5.19 1.89
C ALA A 254 -19.77 -4.88 0.93
N ILE A 255 -19.88 -3.63 0.51
CA ILE A 255 -20.80 -3.31 -0.56
C ILE A 255 -20.01 -3.39 -1.87
N GLY A 256 -20.64 -3.96 -2.87
CA GLY A 256 -20.13 -3.98 -4.21
C GLY A 256 -21.07 -3.19 -5.05
N LYS A 257 -20.54 -2.25 -5.84
CA LYS A 257 -21.32 -1.55 -6.82
C LYS A 257 -20.57 -1.44 -8.14
N TYR A 258 -21.27 -1.64 -9.26
CA TYR A 258 -20.59 -1.66 -10.53
C TYR A 258 -21.33 -0.98 -11.64
N VAL A 259 -20.58 -0.61 -12.68
CA VAL A 259 -21.17 0.11 -13.86
C VAL A 259 -20.52 -0.33 -15.21
N ASN A 260 -21.34 -0.45 -16.22
CA ASN A 260 -20.84 -0.89 -17.54
C ASN A 260 -19.87 0.11 -18.16
N LYS A 261 -18.67 -0.38 -18.50
CA LYS A 261 -17.71 0.45 -19.24
C LYS A 261 -18.31 1.07 -20.52
N SER A 262 -19.19 0.32 -21.19
CA SER A 262 -19.90 0.80 -22.36
C SER A 262 -20.75 2.01 -22.08
N LEU A 263 -21.19 2.16 -20.85
CA LEU A 263 -21.95 3.33 -20.46
C LEU A 263 -21.03 4.48 -20.06
N VAL A 264 -19.98 4.18 -19.30
CA VAL A 264 -19.05 5.22 -18.88
C VAL A 264 -18.44 5.92 -20.12
N PHE A 265 -18.02 5.13 -21.09
CA PHE A 265 -17.25 5.63 -22.24
C PHE A 265 -18.14 5.79 -23.43
N LYS A 266 -19.28 6.36 -23.16
CA LYS A 266 -20.29 6.57 -24.14
C LYS A 266 -20.64 5.30 -24.88
N ILE B 2 18.71 23.94 1.09
CA ILE B 2 19.46 23.65 2.36
C ILE B 2 18.54 23.75 3.54
N ASP B 3 17.75 24.81 3.66
CA ASP B 3 16.83 24.87 4.83
C ASP B 3 15.64 23.89 4.72
N PRO B 4 15.19 23.33 5.81
CA PRO B 4 14.06 22.36 5.79
C PRO B 4 12.80 22.80 5.02
N PHE B 5 12.36 24.04 5.20
CA PHE B 5 11.21 24.50 4.43
C PHE B 5 11.41 24.45 2.94
N THR B 6 12.50 25.04 2.47
CA THR B 6 12.85 25.00 1.10
C THR B 6 13.03 23.56 0.56
N GLU B 7 13.67 22.71 1.34
CA GLU B 7 13.87 21.31 0.96
C GLU B 7 12.52 20.62 0.69
N SER B 8 11.55 20.81 1.60
CA SER B 8 10.24 20.26 1.45
C SER B 8 9.53 20.75 0.18
N VAL B 9 9.74 22.02 -0.17
CA VAL B 9 9.14 22.61 -1.37
C VAL B 9 9.81 22.12 -2.63
N LEU B 10 11.13 22.10 -2.67
CA LEU B 10 11.86 21.50 -3.74
C LEU B 10 11.50 20.01 -4.02
N GLN B 11 11.24 19.26 -2.99
CA GLN B 11 10.83 17.85 -3.11
C GLN B 11 9.47 17.77 -3.77
N SER B 12 8.49 18.50 -3.26
CA SER B 12 7.13 18.53 -3.85
C SER B 12 7.15 18.92 -5.33
N GLN B 13 7.89 19.96 -5.68
CA GLN B 13 8.02 20.37 -7.05
C GLN B 13 8.68 19.33 -7.92
N ALA B 14 9.72 18.69 -7.39
CA ALA B 14 10.40 17.69 -8.16
C ALA B 14 9.45 16.48 -8.46
N THR B 15 8.76 15.96 -7.46
CA THR B 15 7.96 14.79 -7.63
C THR B 15 6.79 15.12 -8.54
N GLU B 16 6.24 16.33 -8.40
CA GLU B 16 5.13 16.76 -9.21
C GLU B 16 5.55 16.89 -10.69
N LEU B 17 6.74 17.35 -10.91
CA LEU B 17 7.27 17.42 -12.25
C LEU B 17 7.53 16.03 -12.79
N LEU B 18 7.98 15.15 -11.95
CA LEU B 18 8.16 13.78 -12.33
C LEU B 18 6.85 13.16 -12.83
N GLN B 19 5.79 13.37 -12.09
CA GLN B 19 4.54 12.78 -12.41
C GLN B 19 3.98 13.33 -13.76
N LYS B 20 4.22 14.60 -14.03
N LYS B 20 4.24 14.60 -14.02
CA LYS B 20 3.72 15.26 -15.23
CA LYS B 20 3.74 15.28 -15.18
C LYS B 20 4.38 14.68 -16.46
C LYS B 20 4.39 14.71 -16.45
N LYS B 21 5.70 14.52 -16.40
CA LYS B 21 6.44 13.94 -17.43
C LYS B 21 6.05 12.49 -17.75
N ALA B 22 5.80 11.71 -16.72
CA ALA B 22 5.44 10.39 -16.88
C ALA B 22 4.06 10.35 -17.54
N GLN B 23 3.17 11.22 -17.09
CA GLN B 23 1.82 11.29 -17.63
C GLN B 23 1.84 11.77 -19.10
N LEU B 24 2.76 12.64 -19.44
CA LEU B 24 2.97 13.08 -20.80
C LEU B 24 3.39 11.87 -21.73
N VAL B 25 4.32 11.06 -21.29
CA VAL B 25 4.72 9.91 -22.05
C VAL B 25 3.62 8.86 -22.14
N SER B 26 2.90 8.63 -21.04
CA SER B 26 1.89 7.62 -21.08
C SER B 26 0.76 7.97 -22.11
N PHE B 27 0.34 9.23 -22.13
CA PHE B 27 -0.71 9.68 -23.07
C PHE B 27 -0.27 9.40 -24.50
N LYS B 28 0.98 9.74 -24.80
CA LYS B 28 1.60 9.49 -26.05
C LYS B 28 1.59 8.02 -26.46
N ILE B 29 2.09 7.14 -25.60
CA ILE B 29 2.11 5.72 -25.88
C ILE B 29 0.73 5.18 -26.06
N GLN B 30 -0.20 5.61 -25.21
CA GLN B 30 -1.55 5.14 -25.34
C GLN B 30 -2.13 5.54 -26.73
N GLY B 31 -1.82 6.75 -27.17
CA GLY B 31 -2.37 7.25 -28.50
C GLY B 31 -1.83 6.37 -29.67
N ILE B 32 -0.57 6.02 -29.59
CA ILE B 32 0.05 5.11 -30.52
C ILE B 32 -0.60 3.75 -30.55
N MET B 33 -0.83 3.17 -29.39
CA MET B 33 -1.46 1.89 -29.30
C MET B 33 -2.90 1.92 -29.78
N LYS B 34 -3.62 3.00 -29.47
CA LYS B 34 -4.99 3.14 -29.93
C LYS B 34 -5.10 3.12 -31.47
N ARG B 35 -4.02 3.80 -31.82
N ARG B 35 -4.03 3.80 -31.84
CA ARG B 35 -3.70 4.05 -33.22
CA ARG B 35 -3.72 4.05 -33.24
C ARG B 35 -3.64 2.75 -34.01
C ARG B 35 -3.66 2.74 -34.02
N ILE B 36 -2.98 1.75 -33.46
CA ILE B 36 -2.67 0.38 -33.84
C ILE B 36 -3.86 -0.53 -33.74
N PHE B 37 -4.57 -0.48 -32.63
CA PHE B 37 -5.72 -1.35 -32.46
C PHE B 37 -6.90 -0.95 -33.33
N MET B 38 -7.03 0.34 -33.62
CA MET B 38 -8.05 0.83 -34.52
C MET B 38 -7.77 0.27 -35.94
N GLY B 39 -6.53 0.34 -36.38
CA GLY B 39 -6.15 -0.20 -37.68
C GLY B 39 -6.32 -1.69 -37.71
N ALA B 40 -6.02 -2.36 -36.61
CA ALA B 40 -6.12 -3.83 -36.58
C ALA B 40 -7.55 -4.19 -36.63
N ASN B 41 -8.37 -3.38 -36.00
CA ASN B 41 -9.82 -3.66 -35.96
C ASN B 41 -10.49 -3.55 -37.35
N THR B 42 -10.05 -2.56 -38.12
CA THR B 42 -10.41 -2.36 -39.49
C THR B 42 -10.01 -3.57 -40.35
N LEU B 43 -8.76 -3.99 -40.25
CA LEU B 43 -8.32 -5.18 -40.98
C LEU B 43 -9.25 -6.38 -40.65
N GLU B 44 -9.58 -6.56 -39.39
CA GLU B 44 -10.37 -7.74 -39.00
C GLU B 44 -11.75 -7.69 -39.63
N LYS B 45 -12.37 -6.52 -39.63
CA LYS B 45 -13.75 -6.44 -40.18
C LYS B 45 -13.78 -6.74 -41.69
N PHE B 46 -12.70 -6.40 -42.40
CA PHE B 46 -12.63 -6.64 -43.84
C PHE B 46 -11.98 -7.96 -44.23
N LEU B 47 -11.10 -8.50 -43.42
CA LEU B 47 -10.44 -9.78 -43.76
C LEU B 47 -11.30 -10.97 -43.37
N SER B 48 -12.31 -10.75 -42.54
CA SER B 48 -13.14 -11.82 -42.10
C SER B 48 -14.41 -11.86 -42.93
N ALA B 53 -16.50 -10.93 -51.69
CA ALA B 53 -15.68 -9.85 -51.14
C ALA B 53 -14.43 -9.71 -52.02
N ILE B 54 -13.36 -9.13 -51.48
CA ILE B 54 -12.11 -8.84 -52.23
C ILE B 54 -11.11 -10.00 -52.19
N ASN B 55 -10.11 -9.89 -53.07
N ASN B 55 -10.17 -10.09 -53.13
CA ASN B 55 -9.09 -10.89 -53.26
CA ASN B 55 -9.18 -11.19 -53.03
C ASN B 55 -7.85 -10.67 -52.35
C ASN B 55 -7.88 -10.73 -52.34
N ASP B 56 -6.87 -11.56 -52.47
CA ASP B 56 -5.66 -11.51 -51.69
C ASP B 56 -4.81 -10.34 -52.06
N THR B 57 -4.94 -9.85 -53.29
CA THR B 57 -4.04 -8.80 -53.78
C THR B 57 -4.33 -7.47 -53.05
N LEU B 58 -5.60 -7.25 -52.77
CA LEU B 58 -5.98 -6.04 -52.05
C LEU B 58 -5.82 -6.21 -50.53
N LYS B 59 -5.97 -7.46 -50.04
CA LYS B 59 -5.60 -7.85 -48.66
C LYS B 59 -4.20 -7.45 -48.39
N ARG B 60 -3.29 -7.87 -49.28
CA ARG B 60 -1.88 -7.47 -49.20
C ARG B 60 -1.66 -5.97 -49.09
N ARG B 61 -2.42 -5.21 -49.87
CA ARG B 61 -2.17 -3.79 -49.89
C ARG B 61 -2.78 -3.12 -48.64
N MET B 62 -3.90 -3.65 -48.17
CA MET B 62 -4.46 -3.27 -46.91
C MET B 62 -3.54 -3.60 -45.73
N LEU B 63 -2.87 -4.75 -45.76
CA LEU B 63 -1.95 -5.15 -44.69
C LEU B 63 -0.78 -4.23 -44.72
N SER B 64 -0.39 -3.83 -45.92
CA SER B 64 0.81 -3.04 -46.04
C SER B 64 0.51 -1.59 -45.62
N GLU B 65 -0.69 -1.15 -45.90
CA GLU B 65 -1.12 0.16 -45.48
C GLU B 65 -1.17 0.25 -43.89
N PHE B 66 -1.58 -0.83 -43.26
CA PHE B 66 -1.57 -0.93 -41.79
C PHE B 66 -0.20 -0.66 -41.27
N LEU B 67 0.80 -1.25 -41.91
CA LEU B 67 2.16 -1.07 -41.47
C LEU B 67 2.66 0.36 -41.70
N LEU B 68 2.33 0.93 -42.85
CA LEU B 68 2.81 2.26 -43.16
C LEU B 68 2.19 3.32 -42.23
N ALA B 69 0.94 3.13 -41.84
CA ALA B 69 0.28 4.02 -40.91
C ALA B 69 0.78 3.80 -39.48
N ASN B 70 1.42 2.66 -39.22
CA ASN B 70 1.82 2.28 -37.84
C ASN B 70 3.20 1.65 -37.81
N PRO B 71 4.24 2.47 -37.93
CA PRO B 71 5.64 1.99 -38.03
C PRO B 71 6.17 1.28 -36.74
N HIS B 72 5.40 1.27 -35.67
CA HIS B 72 5.77 0.46 -34.52
C HIS B 72 5.36 -1.00 -34.68
N VAL B 73 4.64 -1.32 -35.76
CA VAL B 73 4.32 -2.69 -36.09
C VAL B 73 5.32 -3.22 -37.15
N LEU B 74 5.87 -4.37 -36.91
CA LEU B 74 6.94 -4.88 -37.70
C LEU B 74 6.38 -5.71 -38.86
N LEU B 75 5.44 -6.57 -38.56
CA LEU B 75 4.84 -7.44 -39.55
C LEU B 75 3.45 -7.72 -39.15
N VAL B 76 2.63 -8.07 -40.13
CA VAL B 76 1.26 -8.44 -39.97
C VAL B 76 0.89 -9.59 -40.90
N SER B 77 0.10 -10.52 -40.41
CA SER B 77 -0.29 -11.68 -41.17
C SER B 77 -1.75 -11.94 -41.10
N ALA B 78 -2.33 -12.30 -42.25
CA ALA B 78 -3.66 -12.79 -42.29
C ALA B 78 -3.56 -14.31 -42.48
N ILE B 79 -4.15 -15.05 -41.56
CA ILE B 79 -4.01 -16.50 -41.52
C ILE B 79 -5.38 -17.12 -41.69
N TYR B 80 -5.52 -17.96 -42.70
CA TYR B 80 -6.80 -18.62 -42.95
C TYR B 80 -6.66 -20.12 -42.74
N THR B 81 -7.58 -20.67 -41.97
CA THR B 81 -7.60 -22.10 -41.61
C THR B 81 -8.76 -22.90 -42.23
N ASN B 82 -9.90 -22.25 -42.46
CA ASN B 82 -11.09 -22.96 -42.90
C ASN B 82 -10.99 -23.41 -44.36
N ASN B 83 -10.85 -22.47 -45.28
CA ASN B 83 -10.89 -22.77 -46.73
C ASN B 83 -9.68 -22.19 -47.45
N ASN B 84 -9.15 -22.89 -48.44
CA ASN B 84 -7.97 -22.39 -49.12
C ASN B 84 -6.91 -21.90 -48.12
N GLU B 85 -6.60 -22.76 -47.17
CA GLU B 85 -5.76 -22.39 -46.04
C GLU B 85 -4.47 -21.81 -46.55
N ARG B 86 -4.14 -20.62 -46.04
CA ARG B 86 -2.94 -19.92 -46.47
C ARG B 86 -2.59 -18.79 -45.49
N VAL B 87 -1.42 -18.22 -45.64
CA VAL B 87 -1.00 -17.08 -44.84
C VAL B 87 -0.58 -15.95 -45.77
N ILE B 88 -1.07 -14.74 -45.52
CA ILE B 88 -0.63 -13.58 -46.27
C ILE B 88 0.07 -12.65 -45.30
N THR B 89 1.33 -12.36 -45.57
CA THR B 89 2.16 -11.64 -44.65
C THR B 89 2.74 -10.41 -45.33
N ALA B 90 2.64 -9.26 -44.69
CA ALA B 90 3.41 -8.09 -45.05
C ALA B 90 4.42 -7.80 -43.94
N MET B 91 5.64 -7.40 -44.31
CA MET B 91 6.68 -7.10 -43.35
C MET B 91 7.40 -5.84 -43.68
N SER B 92 7.72 -5.04 -42.68
CA SER B 92 8.39 -3.80 -42.93
C SER B 92 9.78 -3.81 -42.36
N MET B 93 10.77 -3.60 -43.21
CA MET B 93 12.14 -3.45 -42.72
C MET B 93 12.74 -2.25 -43.40
N ASP B 94 13.16 -1.28 -42.59
CA ASP B 94 13.73 -0.03 -43.10
C ASP B 94 12.73 0.68 -44.00
N SER B 95 13.16 1.05 -45.20
CA SER B 95 12.29 1.75 -46.14
C SER B 95 11.14 0.88 -46.61
N LYS B 96 11.42 -0.36 -47.00
CA LYS B 96 10.51 -1.12 -47.84
C LYS B 96 9.63 -2.16 -47.10
N ILE B 97 8.42 -2.31 -47.62
CA ILE B 97 7.55 -3.41 -47.29
C ILE B 97 7.80 -4.64 -48.18
N ALA B 98 7.98 -5.81 -47.56
CA ALA B 98 8.14 -7.06 -48.26
C ALA B 98 6.95 -7.94 -48.05
N TYR B 99 6.86 -8.99 -48.83
CA TYR B 99 5.76 -9.93 -48.69
C TYR B 99 6.31 -11.34 -48.68
N PRO B 100 6.96 -11.73 -47.59
CA PRO B 100 7.55 -13.07 -47.48
C PRO B 100 6.54 -14.17 -47.65
N ASN B 101 6.99 -15.29 -48.15
CA ASN B 101 6.16 -16.47 -48.23
C ASN B 101 6.13 -17.03 -46.83
N THR B 102 4.97 -17.40 -46.37
CA THR B 102 4.83 -17.93 -45.01
C THR B 102 3.96 -19.15 -45.12
N THR B 103 4.35 -20.23 -44.46
CA THR B 103 3.57 -21.46 -44.48
C THR B 103 2.68 -21.50 -43.23
N LEU B 104 1.50 -22.04 -43.39
CA LEU B 104 0.63 -22.30 -42.26
C LEU B 104 1.18 -23.44 -41.38
N ASN B 105 1.78 -23.11 -40.24
CA ASN B 105 2.39 -24.11 -39.36
C ASN B 105 1.46 -24.63 -38.26
N GLU B 106 1.96 -25.59 -37.51
CA GLU B 106 1.13 -26.26 -36.49
C GLU B 106 0.81 -25.29 -35.35
N ASN B 107 1.82 -24.48 -34.99
CA ASN B 107 1.59 -23.48 -33.91
C ASN B 107 0.40 -22.54 -34.22
N MET B 108 0.34 -22.07 -35.46
CA MET B 108 -0.75 -21.22 -35.90
C MET B 108 -2.07 -21.97 -35.85
N THR B 109 -2.04 -23.24 -36.30
CA THR B 109 -3.25 -24.05 -36.27
C THR B 109 -3.73 -24.30 -34.86
N ASN B 110 -2.78 -24.56 -33.96
CA ASN B 110 -3.11 -24.81 -32.57
C ASN B 110 -3.74 -23.60 -31.91
N GLN B 111 -3.10 -22.45 -32.07
CA GLN B 111 -3.59 -21.19 -31.47
C GLN B 111 -4.97 -20.85 -31.93
N ILE B 112 -5.21 -21.00 -33.23
CA ILE B 112 -6.45 -20.55 -33.83
C ILE B 112 -7.64 -21.36 -33.39
N ARG B 113 -7.45 -22.66 -33.24
CA ARG B 113 -8.55 -23.53 -32.79
C ARG B 113 -9.16 -23.11 -31.47
N SER B 114 -8.34 -22.58 -30.57
CA SER B 114 -8.79 -22.15 -29.24
C SER B 114 -8.98 -20.63 -29.11
N LEU B 115 -8.71 -19.89 -30.16
CA LEU B 115 -8.78 -18.43 -30.16
C LEU B 115 -10.22 -17.91 -30.21
N LYS B 116 -10.70 -17.41 -29.05
CA LYS B 116 -12.04 -16.83 -28.96
C LYS B 116 -12.02 -15.31 -28.82
N SER B 117 -10.86 -14.75 -28.49
CA SER B 117 -10.74 -13.30 -28.34
C SER B 117 -9.31 -12.88 -28.51
N ILE B 118 -9.13 -11.58 -28.63
CA ILE B 118 -7.82 -11.00 -28.87
C ILE B 118 -6.84 -11.30 -27.78
N THR B 119 -5.64 -11.72 -28.13
CA THR B 119 -4.62 -12.10 -27.16
C THR B 119 -3.31 -11.51 -27.56
N HIS B 120 -2.35 -11.58 -26.67
CA HIS B 120 -1.00 -11.24 -26.97
C HIS B 120 -0.08 -12.27 -26.34
N SER B 121 1.12 -12.37 -26.88
CA SER B 121 2.12 -13.22 -26.31
C SER B 121 2.93 -12.46 -25.24
N ASP B 122 3.81 -13.18 -24.57
CA ASP B 122 4.78 -12.54 -23.73
C ASP B 122 5.78 -11.88 -24.62
N PRO B 123 6.41 -10.82 -24.14
CA PRO B 123 7.42 -10.19 -24.89
C PRO B 123 8.53 -11.22 -25.10
N TYR B 124 9.19 -11.15 -26.24
CA TYR B 124 10.30 -12.03 -26.58
C TYR B 124 11.08 -11.42 -27.68
N TYR B 125 12.23 -11.98 -27.92
CA TYR B 125 13.20 -11.50 -28.91
C TYR B 125 12.97 -12.30 -30.18
N LYS B 126 12.65 -11.61 -31.26
CA LYS B 126 12.37 -12.26 -32.51
C LYS B 126 13.56 -12.09 -33.39
N GLU B 127 14.04 -13.22 -33.92
CA GLU B 127 15.18 -13.23 -34.88
C GLU B 127 14.74 -12.77 -36.29
N VAL B 128 15.20 -11.63 -36.73
CA VAL B 128 14.86 -11.12 -38.05
C VAL B 128 16.12 -10.71 -38.75
N ASN B 129 16.44 -11.40 -39.86
CA ASN B 129 17.79 -11.35 -40.45
C ASN B 129 18.86 -11.76 -39.41
N GLY B 130 19.86 -10.90 -39.21
CA GLY B 130 20.88 -11.14 -38.19
C GLY B 130 20.67 -10.30 -36.93
N ASP B 131 19.43 -9.85 -36.71
CA ASP B 131 19.12 -8.94 -35.61
C ASP B 131 18.03 -9.52 -34.71
N LYS B 132 18.14 -9.29 -33.42
CA LYS B 132 17.07 -9.65 -32.48
C LYS B 132 16.20 -8.43 -32.15
N ILE B 133 14.89 -8.55 -32.38
CA ILE B 133 13.96 -7.45 -32.14
C ILE B 133 13.00 -7.83 -31.01
N TYR B 134 12.98 -7.01 -29.95
CA TYR B 134 12.11 -7.24 -28.79
C TYR B 134 10.68 -6.79 -29.10
N GLY B 135 9.73 -7.70 -28.87
CA GLY B 135 8.35 -7.38 -29.05
C GLY B 135 7.41 -8.46 -28.65
N MET B 136 6.14 -8.32 -29.07
CA MET B 136 5.16 -9.29 -28.81
C MET B 136 4.22 -9.45 -29.96
N ASP B 137 3.71 -10.67 -30.10
CA ASP B 137 2.68 -10.98 -31.05
C ASP B 137 1.35 -10.61 -30.44
N ILE B 138 0.45 -10.04 -31.25
CA ILE B 138 -0.91 -9.73 -30.88
C ILE B 138 -1.77 -10.43 -31.92
N THR B 139 -2.80 -11.12 -31.47
CA THR B 139 -3.57 -11.97 -32.34
C THR B 139 -5.06 -11.79 -32.15
N LEU B 140 -5.75 -11.42 -33.22
CA LEU B 140 -7.21 -11.25 -33.22
C LEU B 140 -7.84 -12.40 -34.01
N PRO B 141 -8.91 -12.98 -33.49
CA PRO B 141 -9.62 -14.00 -34.25
C PRO B 141 -10.43 -13.41 -35.41
N LEU B 142 -10.44 -14.10 -36.54
CA LEU B 142 -11.31 -13.71 -37.66
C LEU B 142 -12.51 -14.58 -37.61
N MET B 143 -13.66 -14.01 -37.28
CA MET B 143 -14.87 -14.81 -37.03
C MET B 143 -15.77 -14.80 -38.29
N ASN B 148 -15.65 -21.32 -34.12
CA ASN B 148 -16.21 -20.30 -35.01
C ASN B 148 -15.16 -19.45 -35.79
N ALA B 149 -13.90 -19.48 -35.36
CA ALA B 149 -12.81 -18.74 -36.00
C ALA B 149 -12.33 -19.36 -37.33
N ILE B 150 -12.43 -18.58 -38.38
CA ILE B 150 -11.99 -19.03 -39.69
C ILE B 150 -10.52 -18.72 -39.92
N GLY B 151 -9.88 -18.15 -38.91
CA GLY B 151 -8.48 -17.80 -39.01
C GLY B 151 -8.14 -16.67 -38.02
N ALA B 152 -7.06 -15.96 -38.28
CA ALA B 152 -6.56 -14.95 -37.33
C ALA B 152 -5.83 -13.89 -38.01
N LEU B 153 -5.87 -12.69 -37.45
CA LEU B 153 -4.97 -11.63 -37.81
C LEU B 153 -3.91 -11.56 -36.74
N ASN B 154 -2.66 -11.63 -37.12
CA ASN B 154 -1.57 -11.57 -36.18
C ASN B 154 -0.60 -10.49 -36.61
N PHE B 155 -0.12 -9.70 -35.65
CA PHE B 155 0.98 -8.77 -35.91
C PHE B 155 1.99 -8.73 -34.82
N PHE B 156 3.20 -8.35 -35.15
CA PHE B 156 4.26 -8.32 -34.21
C PHE B 156 4.52 -6.87 -33.83
N LEU B 157 4.13 -6.50 -32.61
CA LEU B 157 4.39 -5.16 -32.08
C LEU B 157 5.85 -5.09 -31.77
N ASN B 158 6.52 -4.13 -32.36
CA ASN B 158 7.90 -3.89 -32.12
C ASN B 158 8.11 -2.99 -30.89
N ILE B 159 8.32 -3.63 -29.75
CA ILE B 159 8.48 -2.87 -28.50
C ILE B 159 9.68 -1.97 -28.59
N ASP B 160 10.75 -2.47 -29.17
CA ASP B 160 11.96 -1.63 -29.33
C ASP B 160 11.70 -0.35 -30.13
N ALA B 161 10.79 -0.37 -31.05
CA ALA B 161 10.43 0.88 -31.76
C ALA B 161 9.81 1.99 -30.85
N PHE B 162 9.49 1.66 -29.61
CA PHE B 162 9.01 2.64 -28.65
C PHE B 162 10.13 3.33 -27.83
N TYR B 163 11.37 2.95 -28.06
CA TYR B 163 12.54 3.46 -27.31
C TYR B 163 12.62 4.98 -27.21
N THR B 164 12.59 5.64 -28.35
CA THR B 164 12.67 7.06 -28.39
C THR B 164 11.41 7.70 -27.80
N ASP B 165 10.26 7.09 -28.06
CA ASP B 165 9.01 7.55 -27.50
C ASP B 165 9.08 7.53 -25.95
N VAL B 166 9.81 6.60 -25.39
CA VAL B 166 9.85 6.43 -23.96
C VAL B 166 11.01 7.24 -23.36
N VAL B 167 12.22 7.04 -23.90
CA VAL B 167 13.40 7.60 -23.31
C VAL B 167 13.57 9.06 -23.69
N GLY B 168 13.12 9.41 -24.88
CA GLY B 168 13.40 10.73 -25.45
C GLY B 168 14.56 10.61 -26.42
N LYS B 169 14.87 11.71 -27.10
CA LYS B 169 15.89 11.67 -28.14
C LYS B 169 17.26 11.53 -27.51
N LYS B 170 17.40 12.02 -26.29
CA LYS B 170 18.62 11.80 -25.51
C LYS B 170 18.30 11.04 -24.23
N LYS B 171 19.27 10.23 -23.79
CA LYS B 171 19.12 9.34 -22.66
C LYS B 171 18.52 10.05 -21.42
N SER B 172 17.60 9.38 -20.73
CA SER B 172 16.95 9.91 -19.53
C SER B 172 16.61 8.79 -18.53
N ASN B 173 16.18 9.18 -17.34
CA ASN B 173 15.80 8.20 -16.32
C ASN B 173 14.32 7.85 -16.53
N THR B 174 14.06 7.02 -17.54
CA THR B 174 12.74 6.64 -17.96
C THR B 174 12.74 5.20 -18.40
N PHE B 175 11.75 4.43 -17.99
CA PHE B 175 11.61 3.06 -18.44
C PHE B 175 10.17 2.74 -18.69
N LEU B 176 9.95 1.69 -19.50
CA LEU B 176 8.65 1.13 -19.74
C LEU B 176 8.56 -0.24 -19.01
N MET B 177 7.51 -0.44 -18.24
CA MET B 177 7.35 -1.59 -17.42
C MET B 177 6.11 -2.37 -17.78
N GLY B 178 6.24 -3.69 -17.75
CA GLY B 178 5.15 -4.57 -18.05
C GLY B 178 4.73 -5.42 -16.85
N LYS B 179 4.04 -6.51 -17.12
CA LYS B 179 3.50 -7.39 -16.06
C LYS B 179 4.57 -7.86 -15.10
N ASP B 180 4.24 -7.89 -13.80
CA ASP B 180 5.15 -8.33 -12.71
C ASP B 180 6.44 -7.48 -12.59
N GLY B 181 6.43 -6.27 -13.13
CA GLY B 181 7.64 -5.44 -13.06
C GLY B 181 8.70 -5.66 -14.09
N ARG B 182 8.38 -6.46 -15.11
CA ARG B 182 9.34 -6.65 -16.22
C ARG B 182 9.66 -5.34 -16.98
N LEU B 183 10.91 -5.12 -17.24
CA LEU B 183 11.39 -3.96 -17.95
C LEU B 183 11.28 -4.14 -19.49
N LEU B 184 10.43 -3.34 -20.12
CA LEU B 184 10.18 -3.52 -21.58
C LEU B 184 11.08 -2.60 -22.35
N ILE B 185 11.29 -1.41 -21.81
CA ILE B 185 12.29 -0.50 -22.39
C ILE B 185 13.09 0.03 -21.18
N ASN B 186 14.40 0.12 -21.37
CA ASN B 186 15.31 0.76 -20.43
C ASN B 186 16.53 1.35 -21.14
N PRO B 187 17.05 2.48 -20.64
CA PRO B 187 18.20 3.10 -21.31
C PRO B 187 19.39 2.12 -21.32
N ASN B 188 19.45 1.27 -20.29
CA ASN B 188 20.37 0.16 -20.28
C ASN B 188 19.71 -1.05 -20.91
N ARG B 189 20.13 -1.38 -22.13
CA ARG B 189 19.50 -2.43 -22.95
C ARG B 189 19.72 -3.82 -22.36
N GLU B 190 20.77 -3.98 -21.55
CA GLU B 190 21.04 -5.32 -20.94
C GLU B 190 20.04 -5.80 -19.90
N ILE B 191 19.28 -4.88 -19.31
CA ILE B 191 18.24 -5.27 -18.33
C ILE B 191 16.83 -5.28 -18.89
N GLN B 192 16.70 -5.02 -20.17
CA GLN B 192 15.44 -5.42 -20.87
C GLN B 192 15.01 -6.87 -20.63
N ASP B 193 13.71 -7.08 -20.53
CA ASP B 193 13.09 -8.35 -20.34
C ASP B 193 13.35 -8.97 -18.92
N LYS B 194 14.01 -8.21 -18.06
CA LYS B 194 14.28 -8.58 -16.65
C LYS B 194 13.18 -8.15 -15.70
N ILE B 195 12.81 -9.02 -14.78
CA ILE B 195 11.91 -8.64 -13.70
C ILE B 195 12.68 -7.69 -12.76
N LEU B 196 12.14 -6.49 -12.49
CA LEU B 196 12.82 -5.50 -11.69
C LEU B 196 13.22 -5.98 -10.29
N SER B 197 12.29 -6.63 -9.59
CA SER B 197 12.54 -7.07 -8.24
C SER B 197 13.54 -8.20 -8.14
N ALA B 198 13.84 -8.82 -9.29
CA ALA B 198 14.82 -9.89 -9.34
C ALA B 198 16.22 -9.29 -9.51
N ILE B 199 16.32 -8.14 -10.12
CA ILE B 199 17.64 -7.54 -10.33
C ILE B 199 17.92 -6.31 -9.45
N ASN B 200 16.89 -5.86 -8.76
CA ASN B 200 17.01 -4.74 -7.81
C ASN B 200 16.41 -5.16 -6.48
N PRO B 201 17.28 -5.47 -5.50
CA PRO B 201 16.86 -5.97 -4.18
C PRO B 201 16.14 -4.91 -3.32
N ASP B 202 16.05 -3.66 -3.77
CA ASP B 202 15.38 -2.60 -3.01
C ASP B 202 13.97 -3.01 -2.76
N ARG B 203 13.60 -3.12 -1.49
CA ARG B 203 12.25 -3.64 -1.14
C ARG B 203 11.11 -2.71 -1.58
N ARG B 204 11.48 -1.48 -1.92
CA ARG B 204 10.49 -0.50 -2.34
C ARG B 204 9.97 -0.80 -3.77
N VAL B 205 10.64 -1.69 -4.48
CA VAL B 205 10.22 -2.08 -5.82
C VAL B 205 8.76 -2.59 -5.78
N ALA B 206 8.41 -3.27 -4.69
CA ALA B 206 7.08 -3.78 -4.48
C ALA B 206 6.02 -2.68 -4.45
N LYS B 207 6.39 -1.54 -3.93
CA LYS B 207 5.47 -0.41 -3.91
C LYS B 207 5.26 0.08 -5.34
N ALA B 208 6.32 0.10 -6.12
CA ALA B 208 6.21 0.51 -7.49
C ALA B 208 5.29 -0.45 -8.25
N VAL B 209 5.55 -1.76 -8.10
CA VAL B 209 4.74 -2.75 -8.78
C VAL B 209 3.25 -2.73 -8.35
N GLU B 210 3.05 -2.38 -7.09
CA GLU B 210 1.71 -2.26 -6.51
C GLU B 210 0.94 -1.11 -7.15
N TYR B 211 1.62 -0.02 -7.44
CA TYR B 211 1.00 1.10 -8.17
C TYR B 211 0.56 0.57 -9.55
N TYR B 212 1.46 -0.11 -10.22
CA TYR B 212 1.16 -0.83 -11.44
C TYR B 212 -0.05 -1.75 -11.34
N ASN B 213 -0.08 -2.63 -10.35
CA ASN B 213 -1.19 -3.56 -10.19
C ASN B 213 -2.51 -2.96 -9.77
N GLN B 214 -2.46 -1.84 -9.03
CA GLN B 214 -3.68 -1.12 -8.65
C GLN B 214 -4.11 -0.16 -9.73
N ASN B 215 -3.32 -0.04 -10.78
CA ASN B 215 -3.57 0.95 -11.81
C ASN B 215 -3.71 2.37 -11.22
N GLU B 216 -2.83 2.69 -10.28
CA GLU B 216 -2.76 4.00 -9.66
C GLU B 216 -1.41 4.65 -9.84
N ALA B 217 -1.39 5.89 -10.29
CA ALA B 217 -0.19 6.68 -10.34
C ALA B 217 0.29 7.09 -8.93
N GLY B 218 1.60 7.16 -8.74
CA GLY B 218 2.17 7.44 -7.45
C GLY B 218 3.66 7.51 -7.49
N THR B 219 4.26 8.01 -6.42
CA THR B 219 5.70 8.16 -6.31
C THR B 219 6.16 7.41 -5.03
N LEU B 220 7.44 7.21 -4.98
CA LEU B 220 8.10 6.48 -3.91
C LEU B 220 9.57 6.84 -3.98
N SER B 221 10.27 6.59 -2.87
CA SER B 221 11.75 6.70 -2.87
C SER B 221 12.32 5.38 -3.42
N TYR B 222 13.45 5.46 -4.12
CA TYR B 222 13.92 4.32 -4.83
C TYR B 222 15.43 4.38 -5.10
N HIS B 223 16.11 3.23 -4.89
CA HIS B 223 17.53 3.11 -5.12
C HIS B 223 17.78 2.60 -6.54
N SER B 224 18.25 3.46 -7.43
CA SER B 224 18.38 3.12 -8.84
C SER B 224 19.50 2.18 -9.11
N LEU B 225 19.38 1.38 -10.19
CA LEU B 225 20.50 0.60 -10.73
C LEU B 225 21.45 1.47 -11.55
N SER B 226 20.90 2.41 -12.32
CA SER B 226 21.71 3.15 -13.28
C SER B 226 22.57 4.16 -12.55
N GLY B 227 22.05 4.74 -11.47
CA GLY B 227 22.78 5.74 -10.69
C GLY B 227 23.40 5.25 -9.37
N ASN B 228 23.01 4.06 -8.92
CA ASN B 228 23.44 3.50 -7.63
C ASN B 228 23.24 4.49 -6.44
N THR B 229 22.10 5.15 -6.39
CA THR B 229 21.86 6.28 -5.49
C THR B 229 20.35 6.41 -5.19
N GLU B 230 20.01 7.15 -4.16
CA GLU B 230 18.63 7.35 -3.75
C GLU B 230 17.93 8.30 -4.73
N THR B 231 16.73 7.92 -5.14
CA THR B 231 15.96 8.73 -6.07
C THR B 231 14.52 8.81 -5.64
N PHE B 232 13.83 9.79 -6.22
CA PHE B 232 12.37 9.81 -6.27
C PHE B 232 11.95 9.15 -7.56
N LEU B 233 10.97 8.24 -7.49
CA LEU B 233 10.52 7.53 -8.66
C LEU B 233 9.04 7.74 -8.81
N ALA B 234 8.63 8.13 -10.01
CA ALA B 234 7.20 8.22 -10.36
C ALA B 234 6.79 7.06 -11.24
N ILE B 235 5.63 6.49 -10.95
CA ILE B 235 5.07 5.40 -11.73
C ILE B 235 3.72 5.82 -12.29
N GLN B 236 3.54 5.68 -13.62
CA GLN B 236 2.30 6.00 -14.29
C GLN B 236 1.83 4.77 -15.11
N PRO B 237 0.94 3.99 -14.54
CA PRO B 237 0.36 2.90 -15.22
C PRO B 237 -0.74 3.32 -16.19
N PHE B 238 -0.96 2.52 -17.21
CA PHE B 238 -2.00 2.77 -18.21
C PHE B 238 -2.33 1.53 -19.01
N ASP B 239 -3.61 1.28 -19.18
CA ASP B 239 -4.11 0.23 -20.02
C ASP B 239 -4.01 0.70 -21.47
N PHE B 240 -3.33 -0.07 -22.30
CA PHE B 240 -3.20 0.27 -23.73
C PHE B 240 -4.19 -0.52 -24.62
N PHE B 241 -5.14 -1.19 -23.99
CA PHE B 241 -6.19 -1.83 -24.70
C PHE B 241 -7.25 -2.21 -23.69
N GLU B 242 -8.48 -2.32 -24.15
CA GLU B 242 -9.61 -2.58 -23.28
C GLU B 242 -10.17 -3.93 -23.58
N GLU B 243 -10.04 -4.83 -22.61
CA GLU B 243 -10.59 -6.17 -22.84
C GLU B 243 -12.10 -6.22 -22.64
N LYS B 244 -12.76 -7.12 -23.41
CA LYS B 244 -14.19 -7.41 -23.24
C LYS B 244 -14.47 -8.90 -23.06
N ASN B 249 -4.68 -7.93 -15.09
CA ASN B 249 -4.35 -7.00 -16.18
C ASN B 249 -3.65 -7.67 -17.40
N HIS B 250 -4.44 -7.97 -18.43
CA HIS B 250 -3.90 -8.47 -19.69
C HIS B 250 -3.18 -7.36 -20.51
N TRP B 251 -3.60 -6.10 -20.40
CA TRP B 251 -3.11 -5.05 -21.28
C TRP B 251 -2.66 -3.79 -20.55
N ARG B 252 -1.74 -3.94 -19.62
CA ARG B 252 -1.26 -2.80 -18.79
C ARG B 252 0.24 -2.62 -18.79
N TRP B 253 0.66 -1.39 -19.08
CA TRP B 253 2.07 -0.99 -18.99
C TRP B 253 2.17 0.15 -17.97
N ALA B 254 3.39 0.60 -17.71
CA ALA B 254 3.60 1.74 -16.88
C ALA B 254 4.85 2.44 -17.30
N ILE B 255 4.83 3.78 -17.24
CA ILE B 255 6.04 4.59 -17.41
C ILE B 255 6.62 4.86 -16.03
N GLY B 256 7.92 4.75 -15.91
CA GLY B 256 8.64 5.09 -14.70
C GLY B 256 9.58 6.21 -15.03
N LYS B 257 9.60 7.22 -14.16
CA LYS B 257 10.58 8.30 -14.26
C LYS B 257 11.19 8.63 -12.89
N TYR B 258 12.50 8.85 -12.85
CA TYR B 258 13.14 9.04 -11.59
C TYR B 258 14.19 10.13 -11.63
N VAL B 259 14.43 10.72 -10.47
CA VAL B 259 15.44 11.79 -10.36
C VAL B 259 16.21 11.59 -9.04
N ASN B 260 17.50 11.83 -9.09
CA ASN B 260 18.39 11.72 -7.94
C ASN B 260 18.03 12.72 -6.87
N LYS B 261 17.90 12.24 -5.63
CA LYS B 261 17.61 13.17 -4.55
C LYS B 261 18.74 14.19 -4.46
N SER B 262 19.96 13.76 -4.70
CA SER B 262 21.16 14.67 -4.81
C SER B 262 20.93 15.91 -5.66
N LEU B 263 20.40 15.72 -6.85
CA LEU B 263 20.09 16.83 -7.76
C LEU B 263 18.92 17.67 -7.26
N VAL B 264 17.95 17.00 -6.65
CA VAL B 264 16.75 17.68 -6.27
C VAL B 264 17.07 18.72 -5.19
N PHE B 265 17.85 18.32 -4.21
CA PHE B 265 18.19 19.20 -3.11
C PHE B 265 19.46 20.01 -3.41
N LYS B 266 19.87 20.07 -4.68
CA LYS B 266 20.85 21.06 -5.16
C LYS B 266 22.08 21.14 -4.31
N GLU B 267 22.85 20.04 -4.25
CA GLU B 267 24.06 19.97 -3.43
C GLU B 267 25.26 19.48 -4.26
N ILE C 2 -19.27 11.70 10.62
CA ILE C 2 -18.90 10.26 10.59
C ILE C 2 -19.40 9.50 9.40
N ASP C 3 -19.84 10.21 8.37
CA ASP C 3 -20.11 9.57 7.11
C ASP C 3 -18.76 9.34 6.46
N PRO C 4 -18.58 8.21 5.78
CA PRO C 4 -17.27 7.74 5.38
C PRO C 4 -16.56 8.71 4.41
N PHE C 5 -17.32 9.49 3.66
CA PHE C 5 -16.71 10.48 2.82
C PHE C 5 -16.09 11.65 3.63
N THR C 6 -16.86 12.22 4.56
CA THR C 6 -16.34 13.21 5.50
C THR C 6 -15.15 12.63 6.29
N GLU C 7 -15.29 11.41 6.81
CA GLU C 7 -14.20 10.76 7.47
C GLU C 7 -12.95 10.70 6.56
N SER C 8 -13.14 10.37 5.30
CA SER C 8 -12.07 10.15 4.40
C SER C 8 -11.29 11.46 4.18
N VAL C 9 -12.03 12.57 4.20
CA VAL C 9 -11.46 13.87 3.95
C VAL C 9 -10.59 14.33 5.10
N LEU C 10 -11.14 14.27 6.29
CA LEU C 10 -10.45 14.63 7.45
C LEU C 10 -9.20 13.75 7.66
N GLN C 11 -9.29 12.48 7.25
CA GLN C 11 -8.26 11.54 7.50
C GLN C 11 -7.08 11.90 6.61
N SER C 12 -7.31 12.04 5.31
CA SER C 12 -6.32 12.41 4.35
C SER C 12 -5.60 13.72 4.71
N GLN C 13 -6.37 14.65 5.27
CA GLN C 13 -5.83 15.94 5.61
C GLN C 13 -4.96 15.85 6.87
N ALA C 14 -5.43 15.12 7.88
CA ALA C 14 -4.72 14.96 9.09
C ALA C 14 -3.40 14.16 8.88
N THR C 15 -3.44 13.13 8.05
CA THR C 15 -2.28 12.27 7.89
C THR C 15 -1.23 12.93 7.04
N GLU C 16 -1.65 13.68 6.02
CA GLU C 16 -0.76 14.52 5.20
C GLU C 16 -0.02 15.61 6.03
N LEU C 17 -0.74 16.27 6.91
CA LEU C 17 -0.18 17.20 7.86
C LEU C 17 0.80 16.52 8.82
N LEU C 18 0.37 15.42 9.43
CA LEU C 18 1.24 14.57 10.24
C LEU C 18 2.55 14.20 9.55
N GLN C 19 2.46 13.75 8.30
CA GLN C 19 3.61 13.44 7.52
C GLN C 19 4.48 14.67 7.22
N LYS C 20 3.85 15.79 6.98
CA LYS C 20 4.56 17.04 6.68
C LYS C 20 5.40 17.44 7.91
N LYS C 21 4.79 17.37 9.10
CA LYS C 21 5.48 17.68 10.28
C LYS C 21 6.70 16.79 10.48
N ALA C 22 6.52 15.47 10.23
CA ALA C 22 7.54 14.49 10.47
C ALA C 22 8.70 14.70 9.50
N GLN C 23 8.37 15.10 8.29
CA GLN C 23 9.34 15.40 7.27
C GLN C 23 10.21 16.60 7.64
N LEU C 24 9.57 17.67 8.14
CA LEU C 24 10.28 18.89 8.48
C LEU C 24 11.21 18.69 9.69
N VAL C 25 10.74 17.94 10.66
CA VAL C 25 11.55 17.55 11.79
C VAL C 25 12.75 16.70 11.38
N SER C 26 12.56 15.78 10.46
CA SER C 26 13.65 14.96 10.02
C SER C 26 14.72 15.80 9.30
N PHE C 27 14.31 16.72 8.46
CA PHE C 27 15.23 17.61 7.79
C PHE C 27 16.06 18.45 8.81
N LYS C 28 15.43 18.93 9.85
CA LYS C 28 16.10 19.67 10.87
C LYS C 28 17.15 18.80 11.59
N ILE C 29 16.78 17.58 11.98
CA ILE C 29 17.75 16.72 12.67
C ILE C 29 18.96 16.44 11.71
N GLN C 30 18.66 16.18 10.45
CA GLN C 30 19.66 15.94 9.48
C GLN C 30 20.60 17.15 9.39
N GLY C 31 20.04 18.34 9.44
CA GLY C 31 20.84 19.60 9.34
C GLY C 31 21.81 19.67 10.52
N ILE C 32 21.31 19.41 11.73
CA ILE C 32 22.15 19.31 12.91
C ILE C 32 23.29 18.32 12.77
N MET C 33 23.00 17.15 12.24
CA MET C 33 24.01 16.12 12.11
C MET C 33 25.05 16.49 11.03
N LYS C 34 24.60 17.06 9.94
CA LYS C 34 25.45 17.45 8.91
C LYS C 34 26.49 18.48 9.37
N ARG C 35 26.06 19.39 10.21
CA ARG C 35 26.97 20.40 10.78
C ARG C 35 27.95 19.75 11.74
N ILE C 36 27.48 18.77 12.50
CA ILE C 36 28.34 17.99 13.36
C ILE C 36 29.40 17.26 12.56
N PHE C 37 28.97 16.55 11.54
CA PHE C 37 29.90 15.82 10.69
C PHE C 37 30.87 16.69 9.89
N MET C 38 30.41 17.86 9.40
CA MET C 38 31.28 18.70 8.69
C MET C 38 32.40 19.22 9.67
N GLY C 39 32.01 19.58 10.86
CA GLY C 39 32.94 19.92 11.92
C GLY C 39 33.91 18.82 12.26
N ALA C 40 33.40 17.61 12.38
CA ALA C 40 34.27 16.49 12.69
C ALA C 40 35.25 16.21 11.61
N ASN C 41 34.85 16.38 10.36
N ASN C 41 34.88 16.40 10.35
CA ASN C 41 35.77 16.22 9.23
CA ASN C 41 35.82 16.24 9.24
C ASN C 41 36.86 17.32 9.16
C ASN C 41 36.89 17.32 9.21
N THR C 42 36.49 18.54 9.57
CA THR C 42 37.46 19.62 9.72
C THR C 42 38.48 19.24 10.77
N LEU C 43 37.99 18.75 11.90
CA LEU C 43 38.84 18.34 12.97
C LEU C 43 39.78 17.20 12.60
N GLU C 44 39.25 16.22 11.90
CA GLU C 44 40.04 15.10 11.39
C GLU C 44 41.21 15.54 10.53
N LYS C 45 40.99 16.47 9.62
CA LYS C 45 42.08 16.91 8.74
C LYS C 45 43.23 17.57 9.52
N PHE C 46 42.88 18.33 10.55
N PHE C 46 42.91 18.34 10.55
CA PHE C 46 43.88 18.93 11.40
CA PHE C 46 43.92 18.95 11.41
C PHE C 46 44.57 17.95 12.34
C PHE C 46 44.60 17.94 12.35
N LEU C 47 43.87 16.93 12.80
CA LEU C 47 44.41 15.98 13.77
C LEU C 47 45.29 14.94 13.08
N SER C 48 45.04 14.69 11.82
CA SER C 48 45.75 13.66 11.10
C SER C 48 46.80 14.22 10.14
N ASP C 49 47.02 15.54 10.18
CA ASP C 49 48.02 16.20 9.37
C ASP C 49 49.39 16.03 10.06
N GLU C 50 50.16 15.07 9.55
CA GLU C 50 51.49 14.76 10.11
C GLU C 50 52.54 15.85 9.85
N ASN C 51 52.31 16.69 8.84
CA ASN C 51 53.21 17.79 8.45
C ASN C 51 52.82 19.15 9.04
N SER C 52 52.50 19.17 10.33
CA SER C 52 51.94 20.39 10.92
C SER C 52 52.51 20.68 12.30
N ALA C 53 52.66 21.97 12.62
CA ALA C 53 53.37 22.43 13.84
C ALA C 53 52.49 22.42 15.07
N ILE C 54 51.42 21.62 15.04
CA ILE C 54 50.41 21.70 16.08
C ILE C 54 50.70 20.79 17.25
N ASN C 55 51.10 21.40 18.35
CA ASN C 55 51.33 20.72 19.60
C ASN C 55 50.00 20.33 20.25
N ASP C 56 50.06 19.64 21.39
CA ASP C 56 48.89 19.17 22.03
C ASP C 56 48.02 20.27 22.65
N THR C 57 48.64 21.41 22.95
CA THR C 57 47.89 22.54 23.48
C THR C 57 46.89 23.05 22.44
N LEU C 58 47.36 23.17 21.22
CA LEU C 58 46.55 23.61 20.12
C LEU C 58 45.50 22.55 19.78
N LYS C 59 45.84 21.28 19.99
CA LYS C 59 44.90 20.24 19.75
C LYS C 59 43.76 20.33 20.76
N ARG C 60 44.10 20.54 22.01
CA ARG C 60 43.11 20.69 23.05
C ARG C 60 42.17 21.86 22.76
N ARG C 61 42.72 22.90 22.16
CA ARG C 61 41.98 24.03 21.86
C ARG C 61 41.01 23.77 20.66
N MET C 62 41.45 23.03 19.68
CA MET C 62 40.62 22.68 18.59
C MET C 62 39.48 21.79 19.11
N LEU C 63 39.80 20.85 19.97
CA LEU C 63 38.83 19.95 20.48
C LEU C 63 37.77 20.66 21.26
N SER C 64 38.18 21.56 22.14
CA SER C 64 37.23 22.27 22.99
C SER C 64 36.36 23.20 22.16
N GLU C 65 36.92 23.79 21.12
CA GLU C 65 36.12 24.65 20.23
C GLU C 65 35.06 23.86 19.42
N PHE C 66 35.39 22.63 18.99
CA PHE C 66 34.41 21.72 18.42
C PHE C 66 33.26 21.49 19.36
N LEU C 67 33.55 21.32 20.63
CA LEU C 67 32.50 21.15 21.61
C LEU C 67 31.65 22.40 21.87
N LEU C 68 32.32 23.54 22.00
CA LEU C 68 31.64 24.82 22.13
C LEU C 68 30.68 25.07 20.97
N ALA C 69 31.06 24.67 19.75
CA ALA C 69 30.21 24.84 18.61
C ALA C 69 29.16 23.73 18.44
N ASN C 70 29.22 22.65 19.25
CA ASN C 70 28.27 21.55 19.10
C ASN C 70 27.77 21.01 20.41
N PRO C 71 26.73 21.65 20.98
CA PRO C 71 26.21 21.22 22.27
C PRO C 71 25.56 19.80 22.26
N HIS C 72 25.35 19.28 21.08
CA HIS C 72 24.85 17.95 20.94
C HIS C 72 25.93 16.90 21.11
N VAL C 73 27.19 17.32 21.23
CA VAL C 73 28.29 16.45 21.47
C VAL C 73 28.80 16.62 22.90
N LEU C 74 28.94 15.53 23.61
CA LEU C 74 29.32 15.55 25.01
C LEU C 74 30.83 15.59 25.18
N LEU C 75 31.53 14.77 24.42
CA LEU C 75 32.96 14.67 24.51
C LEU C 75 33.58 14.24 23.21
N VAL C 76 34.86 14.54 23.07
CA VAL C 76 35.56 14.30 21.87
C VAL C 76 37.00 13.97 22.24
N SER C 77 37.59 12.99 21.56
CA SER C 77 38.93 12.52 21.85
C SER C 77 39.72 12.34 20.60
N ALA C 78 40.99 12.73 20.65
CA ALA C 78 41.93 12.44 19.59
C ALA C 78 42.78 11.29 20.13
N ILE C 79 42.75 10.17 19.44
CA ILE C 79 43.46 8.96 19.90
C ILE C 79 44.55 8.59 18.89
N TYR C 80 45.81 8.60 19.33
CA TYR C 80 46.96 8.27 18.45
C TYR C 80 47.52 6.91 18.86
N THR C 81 47.85 6.06 17.89
CA THR C 81 48.17 4.65 18.21
C THR C 81 49.53 4.12 17.76
N ASN C 82 50.21 4.76 16.82
CA ASN C 82 51.51 4.26 16.42
C ASN C 82 52.58 5.02 17.18
N ASN C 83 52.90 6.21 16.70
CA ASN C 83 53.95 7.00 17.28
C ASN C 83 53.39 7.83 18.43
N ASN C 84 54.07 7.79 19.56
CA ASN C 84 53.64 8.56 20.75
C ASN C 84 52.16 8.32 21.10
N GLU C 85 51.85 7.07 21.40
CA GLU C 85 50.56 6.66 21.85
C GLU C 85 50.04 7.51 22.99
N ARG C 86 48.89 8.15 22.76
CA ARG C 86 48.26 9.01 23.75
C ARG C 86 46.80 9.31 23.40
N VAL C 87 46.06 9.79 24.37
CA VAL C 87 44.75 10.24 24.18
C VAL C 87 44.60 11.69 24.65
N ILE C 88 44.00 12.52 23.83
CA ILE C 88 43.63 13.90 24.22
C ILE C 88 42.15 14.04 24.19
N THR C 89 41.55 14.32 25.33
CA THR C 89 40.11 14.36 25.49
C THR C 89 39.62 15.70 26.01
N ALA C 90 38.60 16.25 25.33
CA ALA C 90 37.82 17.35 25.86
C ALA C 90 36.40 16.94 26.21
N MET C 91 35.84 17.52 27.27
CA MET C 91 34.50 17.23 27.69
C MET C 91 33.73 18.42 28.23
N SER C 92 32.47 18.55 27.84
CA SER C 92 31.60 19.64 28.37
C SER C 92 30.90 19.24 29.68
N MET C 93 31.47 19.75 30.78
CA MET C 93 31.01 19.46 32.13
C MET C 93 30.27 20.68 32.59
N ASP C 94 28.95 20.67 32.46
CA ASP C 94 28.10 21.77 32.97
C ASP C 94 28.49 23.12 32.36
N SER C 95 28.51 23.16 31.03
CA SER C 95 28.87 24.37 30.29
C SER C 95 30.29 24.89 30.61
N LYS C 96 31.09 24.03 31.25
CA LYS C 96 32.52 24.23 31.40
C LYS C 96 33.22 23.12 30.58
N ILE C 97 34.37 23.43 30.00
CA ILE C 97 35.15 22.45 29.28
C ILE C 97 36.25 21.89 30.14
N ALA C 98 36.29 20.57 30.28
CA ALA C 98 37.31 19.89 31.06
C ALA C 98 38.15 18.96 30.15
N TYR C 99 39.33 18.60 30.63
CA TYR C 99 40.24 17.79 29.88
C TYR C 99 40.63 16.60 30.74
N PRO C 100 39.73 15.59 30.84
CA PRO C 100 40.01 14.37 31.57
C PRO C 100 41.30 13.66 31.11
N ASN C 101 41.95 12.96 32.03
CA ASN C 101 43.12 12.16 31.67
C ASN C 101 42.68 10.77 31.30
N THR C 102 42.85 10.44 30.04
CA THR C 102 42.44 9.15 29.53
C THR C 102 43.67 8.41 29.10
N THR C 103 43.78 7.16 29.53
CA THR C 103 44.89 6.32 29.04
C THR C 103 44.42 5.45 27.84
N LEU C 104 45.30 5.29 26.87
CA LEU C 104 45.03 4.41 25.74
C LEU C 104 44.94 2.95 26.25
N ASN C 105 43.75 2.35 26.24
CA ASN C 105 43.60 0.95 26.63
C ASN C 105 43.53 -0.04 25.44
N GLU C 106 43.58 -1.33 25.75
CA GLU C 106 43.60 -2.39 24.68
C GLU C 106 42.36 -2.32 23.81
N ASN C 107 41.21 -2.02 24.42
CA ASN C 107 39.95 -1.87 23.64
C ASN C 107 40.04 -0.83 22.53
N MET C 108 40.53 0.35 22.85
CA MET C 108 40.73 1.40 21.83
C MET C 108 41.73 0.97 20.77
N THR C 109 42.83 0.37 21.20
CA THR C 109 43.91 0.03 20.26
C THR C 109 43.37 -0.93 19.22
N ASN C 110 42.61 -1.91 19.70
CA ASN C 110 42.08 -2.95 18.82
C ASN C 110 41.02 -2.37 17.93
N GLN C 111 40.16 -1.56 18.53
CA GLN C 111 39.13 -0.86 17.76
C GLN C 111 39.76 -0.12 16.59
N ILE C 112 40.83 0.60 16.89
CA ILE C 112 41.50 1.40 15.86
C ILE C 112 42.27 0.51 14.88
N ARG C 113 42.90 -0.59 15.35
CA ARG C 113 43.53 -1.53 14.40
C ARG C 113 42.51 -1.79 13.28
N SER C 114 41.23 -2.06 13.60
CA SER C 114 40.23 -2.54 12.61
C SER C 114 39.40 -1.45 11.92
N LEU C 115 39.75 -0.19 12.17
CA LEU C 115 38.96 0.95 11.68
C LEU C 115 39.28 1.33 10.21
N LYS C 116 38.38 0.98 9.31
CA LYS C 116 38.54 1.23 7.88
C LYS C 116 37.76 2.45 7.43
N SER C 117 36.63 2.69 8.09
CA SER C 117 35.88 3.88 7.79
C SER C 117 35.10 4.32 9.02
N ILE C 118 34.28 5.32 8.88
CA ILE C 118 33.56 5.88 10.02
C ILE C 118 32.57 4.87 10.56
N THR C 119 32.46 4.79 11.87
CA THR C 119 31.59 3.84 12.50
C THR C 119 30.85 4.48 13.68
N HIS C 120 29.88 3.78 14.22
CA HIS C 120 29.20 4.23 15.43
C HIS C 120 28.82 3.05 16.25
N SER C 121 28.69 3.24 17.55
CA SER C 121 28.27 2.22 18.49
C SER C 121 26.75 2.21 18.57
N ASP C 122 26.23 1.18 19.19
CA ASP C 122 24.87 1.16 19.58
C ASP C 122 24.68 2.21 20.64
N PRO C 123 23.47 2.74 20.75
CA PRO C 123 23.23 3.74 21.77
C PRO C 123 23.39 3.08 23.14
N TYR C 124 23.80 3.84 24.15
CA TYR C 124 23.95 3.29 25.48
C TYR C 124 23.96 4.45 26.44
N TYR C 125 23.84 4.12 27.72
CA TYR C 125 23.94 5.14 28.76
C TYR C 125 25.38 5.24 29.27
N LYS C 126 25.97 6.44 29.19
CA LYS C 126 27.32 6.71 29.71
C LYS C 126 27.18 7.46 31.01
N GLU C 127 27.88 7.01 32.03
CA GLU C 127 27.71 7.63 33.38
C GLU C 127 28.63 8.82 33.47
N VAL C 128 28.11 9.96 33.89
CA VAL C 128 28.90 11.18 34.03
C VAL C 128 28.50 11.98 35.26
N ASN C 129 29.39 12.06 36.25
CA ASN C 129 29.09 12.79 37.52
C ASN C 129 27.86 12.26 38.23
N GLY C 130 27.77 10.94 38.27
CA GLY C 130 26.61 10.26 38.83
C GLY C 130 25.35 10.31 37.99
N ASP C 131 25.44 10.84 36.76
CA ASP C 131 24.28 10.97 35.87
C ASP C 131 24.48 10.18 34.58
N LYS C 132 23.41 9.55 34.07
CA LYS C 132 23.51 8.72 32.85
C LYS C 132 23.06 9.50 31.60
N ILE C 133 23.93 9.62 30.63
CA ILE C 133 23.60 10.33 29.38
C ILE C 133 23.50 9.34 28.26
N TYR C 134 22.33 9.32 27.62
CA TYR C 134 22.09 8.38 26.49
C TYR C 134 22.71 8.94 25.22
N GLY C 135 23.49 8.12 24.55
CA GLY C 135 24.11 8.50 23.29
C GLY C 135 24.92 7.41 22.60
N MET C 136 25.80 7.80 21.71
CA MET C 136 26.60 6.85 21.03
C MET C 136 27.92 7.42 20.65
N ASP C 137 28.91 6.56 20.55
CA ASP C 137 30.22 6.93 20.07
C ASP C 137 30.18 6.93 18.56
N ILE C 138 30.81 7.93 17.95
CA ILE C 138 31.05 7.97 16.54
C ILE C 138 32.53 8.07 16.38
N THR C 139 33.13 7.22 15.54
CA THR C 139 34.54 7.13 15.41
C THR C 139 35.00 7.28 13.96
N LEU C 140 35.96 8.17 13.71
CA LEU C 140 36.55 8.42 12.42
C LEU C 140 38.01 8.06 12.46
N PRO C 141 38.49 7.36 11.43
CA PRO C 141 39.89 7.07 11.36
C PRO C 141 40.71 8.31 11.08
N LEU C 142 41.86 8.44 11.75
CA LEU C 142 42.87 9.43 11.38
C LEU C 142 43.86 8.75 10.42
N MET C 143 43.91 9.21 9.18
CA MET C 143 44.74 8.57 8.17
C MET C 143 45.94 9.46 7.87
N GLY C 144 47.12 8.94 8.18
CA GLY C 144 48.36 9.50 7.66
C GLY C 144 48.39 9.08 6.20
N LYS C 145 48.74 7.80 5.96
CA LYS C 145 48.68 7.20 4.60
C LYS C 145 48.52 5.66 4.66
N ASN C 148 47.03 1.56 8.07
CA ASN C 148 46.84 2.95 7.59
C ASN C 148 46.51 3.99 8.70
N ALA C 149 45.58 3.63 9.58
CA ALA C 149 45.08 4.54 10.57
C ALA C 149 46.14 4.82 11.64
N ILE C 150 46.66 6.06 11.67
CA ILE C 150 47.56 6.51 12.75
C ILE C 150 46.79 6.74 14.06
N GLY C 151 45.47 6.54 14.01
CA GLY C 151 44.66 6.74 15.18
C GLY C 151 43.22 6.99 14.82
N ALA C 152 42.50 7.68 15.70
CA ALA C 152 41.08 7.91 15.54
C ALA C 152 40.61 9.17 16.25
N LEU C 153 39.56 9.75 15.69
CA LEU C 153 38.82 10.80 16.33
C LEU C 153 37.54 10.17 16.75
N ASN C 154 37.27 10.24 18.04
CA ASN C 154 36.04 9.74 18.64
C ASN C 154 35.23 10.81 19.34
N PHE C 155 33.94 10.83 19.11
CA PHE C 155 33.08 11.70 19.90
C PHE C 155 31.81 11.02 20.33
N PHE C 156 31.32 11.38 21.51
CA PHE C 156 30.09 10.82 22.03
C PHE C 156 28.95 11.77 21.69
N LEU C 157 28.12 11.37 20.72
CA LEU C 157 26.94 12.10 20.39
C LEU C 157 25.92 11.97 21.48
N ASN C 158 25.48 13.09 22.02
CA ASN C 158 24.54 13.11 23.13
C ASN C 158 23.12 13.09 22.59
N ILE C 159 22.49 11.90 22.59
CA ILE C 159 21.18 11.73 21.97
C ILE C 159 20.17 12.50 22.79
N ASP C 160 20.36 12.52 24.13
CA ASP C 160 19.44 13.29 25.01
C ASP C 160 19.40 14.77 24.65
N ALA C 161 20.48 15.30 24.12
CA ALA C 161 20.52 16.72 23.75
C ALA C 161 19.65 17.00 22.52
N PHE C 162 19.10 15.96 21.88
CA PHE C 162 18.13 16.15 20.78
C PHE C 162 16.66 16.16 21.27
N TYR C 163 16.45 15.99 22.55
CA TYR C 163 15.07 15.96 23.12
C TYR C 163 14.16 17.08 22.61
N THR C 164 14.59 18.30 22.73
CA THR C 164 13.79 19.44 22.32
C THR C 164 13.72 19.60 20.83
N ASP C 165 14.79 19.27 20.13
CA ASP C 165 14.70 19.26 18.63
C ASP C 165 13.64 18.31 18.07
N VAL C 166 13.46 17.17 18.76
CA VAL C 166 12.53 16.13 18.32
C VAL C 166 11.15 16.40 18.86
N VAL C 167 11.04 16.57 20.18
CA VAL C 167 9.75 16.71 20.85
C VAL C 167 9.18 18.10 20.71
N GLY C 168 10.06 19.08 20.64
CA GLY C 168 9.61 20.46 20.55
C GLY C 168 9.73 21.15 21.90
N LYS C 169 9.49 22.47 21.95
CA LYS C 169 9.53 23.21 23.24
C LYS C 169 8.49 22.73 24.24
N LYS C 170 7.30 22.42 23.75
CA LYS C 170 6.24 21.80 24.56
C LYS C 170 6.14 20.34 24.21
N LYS C 171 5.64 19.57 25.16
CA LYS C 171 5.48 18.16 25.00
C LYS C 171 4.61 17.92 23.79
N SER C 172 4.98 16.94 22.96
CA SER C 172 4.16 16.56 21.82
C SER C 172 4.19 15.07 21.63
N ASN C 173 3.44 14.59 20.64
CA ASN C 173 3.44 13.16 20.29
C ASN C 173 4.46 12.89 19.23
N THR C 174 5.72 12.94 19.64
CA THR C 174 6.83 12.77 18.71
C THR C 174 7.92 11.93 19.29
N PHE C 175 8.42 10.96 18.55
CA PHE C 175 9.55 10.19 19.03
C PHE C 175 10.58 10.05 17.97
N LEU C 176 11.79 9.64 18.39
CA LEU C 176 12.87 9.33 17.48
C LEU C 176 13.15 7.85 17.61
N MET C 177 13.20 7.15 16.49
CA MET C 177 13.37 5.71 16.48
C MET C 177 14.66 5.27 15.82
N GLY C 178 15.27 4.24 16.39
CA GLY C 178 16.44 3.61 15.84
C GLY C 178 16.18 2.17 15.39
N LYS C 179 17.22 1.38 15.30
CA LYS C 179 17.17 0.00 14.77
C LYS C 179 16.17 -0.86 15.53
N ASP C 180 15.45 -1.67 14.76
CA ASP C 180 14.53 -2.63 15.35
C ASP C 180 13.45 -1.93 16.14
N GLY C 181 13.25 -0.64 15.89
CA GLY C 181 12.22 0.07 16.60
C GLY C 181 12.56 0.54 17.99
N ARG C 182 13.84 0.66 18.26
CA ARG C 182 14.28 1.23 19.56
C ARG C 182 13.93 2.70 19.67
N LEU C 183 13.37 3.08 20.82
CA LEU C 183 13.02 4.43 21.05
C LEU C 183 14.26 5.25 21.58
N LEU C 184 14.79 6.14 20.75
CA LEU C 184 16.00 6.89 21.08
C LEU C 184 15.59 8.09 21.83
N ILE C 185 14.44 8.64 21.47
CA ILE C 185 13.89 9.80 22.20
C ILE C 185 12.41 9.59 22.28
N ASN C 186 11.87 9.89 23.42
CA ASN C 186 10.45 9.79 23.70
C ASN C 186 10.05 10.75 24.83
N PRO C 187 8.91 11.42 24.68
CA PRO C 187 8.41 12.33 25.73
C PRO C 187 8.28 11.67 27.11
N ASN C 188 7.93 10.39 27.10
CA ASN C 188 8.06 9.56 28.30
C ASN C 188 9.46 8.96 28.35
N ARG C 189 10.30 9.54 29.20
N ARG C 189 10.30 9.53 29.20
CA ARG C 189 11.71 9.21 29.24
CA ARG C 189 11.71 9.17 29.23
C ARG C 189 12.01 7.82 29.75
C ARG C 189 11.98 7.78 29.70
N GLU C 190 11.06 7.22 30.45
CA GLU C 190 11.25 5.88 31.02
C GLU C 190 11.16 4.78 29.98
N ILE C 191 10.55 5.08 28.84
CA ILE C 191 10.56 4.10 27.73
C ILE C 191 11.62 4.35 26.68
N GLN C 192 12.54 5.25 26.98
CA GLN C 192 13.80 5.38 26.18
C GLN C 192 14.62 4.13 26.20
N ASP C 193 15.22 3.78 25.04
CA ASP C 193 16.06 2.59 24.87
C ASP C 193 15.27 1.27 24.87
N LYS C 194 13.94 1.33 24.92
CA LYS C 194 13.08 0.12 24.74
C LYS C 194 12.73 -0.14 23.29
N ILE C 195 12.69 -1.39 22.93
CA ILE C 195 12.19 -1.82 21.61
C ILE C 195 10.69 -1.64 21.65
N LEU C 196 10.14 -0.87 20.70
CA LEU C 196 8.71 -0.52 20.72
C LEU C 196 7.78 -1.77 20.71
N SER C 197 8.05 -2.73 19.83
CA SER C 197 7.24 -3.95 19.75
C SER C 197 7.33 -4.82 20.99
N ALA C 198 8.32 -4.59 21.85
CA ALA C 198 8.46 -5.35 23.11
C ALA C 198 7.66 -4.76 24.24
N ILE C 199 7.24 -3.52 24.08
CA ILE C 199 6.46 -2.83 25.09
C ILE C 199 5.09 -2.38 24.59
N ASN C 200 4.82 -2.54 23.30
CA ASN C 200 3.51 -2.22 22.74
C ASN C 200 3.07 -3.42 21.95
N PRO C 201 2.08 -4.18 22.48
CA PRO C 201 1.59 -5.43 21.88
C PRO C 201 0.82 -5.20 20.53
N ASP C 202 0.42 -3.96 20.26
CA ASP C 202 -0.18 -3.63 18.97
C ASP C 202 0.68 -4.17 17.84
N ARG C 203 0.16 -5.11 17.08
CA ARG C 203 0.97 -5.75 16.04
C ARG C 203 1.16 -4.90 14.81
N ARG C 204 0.50 -3.74 14.76
CA ARG C 204 0.68 -2.79 13.67
C ARG C 204 2.04 -2.07 13.83
N VAL C 205 2.65 -2.19 15.00
CA VAL C 205 3.99 -1.73 15.23
C VAL C 205 4.92 -2.23 14.15
N ALA C 206 4.71 -3.46 13.71
CA ALA C 206 5.55 -4.00 12.64
C ALA C 206 5.52 -3.17 11.38
N LYS C 207 4.38 -2.56 11.07
CA LYS C 207 4.29 -1.71 9.89
C LYS C 207 5.24 -0.46 10.01
N ALA C 208 5.30 0.12 11.20
CA ALA C 208 6.20 1.22 11.49
C ALA C 208 7.64 0.82 11.24
N VAL C 209 8.04 -0.34 11.76
CA VAL C 209 9.41 -0.80 11.64
C VAL C 209 9.75 -1.11 10.20
N GLU C 210 8.75 -1.65 9.50
CA GLU C 210 8.95 -1.93 8.09
C GLU C 210 9.22 -0.66 7.26
N TYR C 211 8.49 0.41 7.54
CA TYR C 211 8.76 1.70 6.89
C TYR C 211 10.19 2.10 7.18
N TYR C 212 10.60 1.99 8.45
CA TYR C 212 11.96 2.31 8.84
C TYR C 212 12.95 1.52 8.05
N ASN C 213 12.81 0.18 8.07
CA ASN C 213 13.78 -0.69 7.35
C ASN C 213 13.80 -0.51 5.84
N GLN C 214 12.63 -0.29 5.27
CA GLN C 214 12.55 -0.06 3.81
C GLN C 214 12.95 1.32 3.38
N ASN C 215 13.11 2.22 4.36
CA ASN C 215 13.47 3.60 4.10
C ASN C 215 12.43 4.28 3.23
N GLU C 216 11.18 4.08 3.59
CA GLU C 216 10.05 4.71 2.89
C GLU C 216 9.15 5.37 3.91
N ALA C 217 8.81 6.63 3.70
CA ALA C 217 7.88 7.34 4.55
C ALA C 217 6.46 6.72 4.38
N GLY C 218 5.66 6.70 5.45
CA GLY C 218 4.35 6.10 5.42
C GLY C 218 3.59 6.33 6.70
N THR C 219 2.30 5.98 6.69
CA THR C 219 1.44 6.12 7.85
C THR C 219 0.75 4.79 8.21
N LEU C 220 0.21 4.71 9.41
CA LEU C 220 -0.54 3.55 9.88
C LEU C 220 -1.44 3.95 11.05
N SER C 221 -2.40 3.09 11.38
CA SER C 221 -3.18 3.24 12.57
C SER C 221 -2.46 2.59 13.75
N TYR C 222 -2.61 3.15 14.95
CA TYR C 222 -1.69 2.83 15.98
C TYR C 222 -2.28 3.09 17.33
N HIS C 223 -2.10 2.12 18.21
CA HIS C 223 -2.53 2.29 19.61
C HIS C 223 -1.38 2.82 20.44
N SER C 224 -1.47 4.07 20.90
CA SER C 224 -0.37 4.71 21.55
C SER C 224 -0.29 4.23 22.95
N LEU C 225 0.93 4.19 23.49
CA LEU C 225 1.15 3.93 24.91
C LEU C 225 0.81 5.17 25.76
N SER C 226 1.14 6.35 25.25
CA SER C 226 1.01 7.61 25.98
C SER C 226 -0.43 8.10 26.13
N GLY C 227 -1.27 7.77 25.16
CA GLY C 227 -2.68 8.12 25.21
C GLY C 227 -3.65 6.94 25.39
N ASN C 228 -3.12 5.73 25.30
CA ASN C 228 -3.94 4.52 25.35
C ASN C 228 -5.16 4.62 24.43
N THR C 229 -4.95 5.13 23.23
CA THR C 229 -6.07 5.31 22.32
C THR C 229 -5.64 5.07 20.87
N GLU C 230 -6.59 5.13 19.93
CA GLU C 230 -6.29 4.92 18.56
C GLU C 230 -5.78 6.21 17.93
N THR C 231 -4.73 6.08 17.13
CA THR C 231 -4.10 7.24 16.53
C THR C 231 -3.67 6.92 15.08
N PHE C 232 -3.47 7.96 14.29
CA PHE C 232 -2.74 7.84 13.07
C PHE C 232 -1.29 8.11 13.42
N LEU C 233 -0.38 7.31 12.89
CA LEU C 233 1.02 7.46 13.14
C LEU C 233 1.77 7.59 11.86
N ALA C 234 2.59 8.64 11.75
CA ALA C 234 3.45 8.83 10.59
C ALA C 234 4.89 8.49 10.93
N ILE C 235 5.55 7.82 9.99
CA ILE C 235 6.96 7.44 10.12
C ILE C 235 7.75 8.05 9.03
N GLN C 236 8.77 8.86 9.42
CA GLN C 236 9.70 9.45 8.42
C GLN C 236 11.13 8.99 8.66
N PRO C 237 11.58 8.00 7.85
CA PRO C 237 12.90 7.48 8.00
C PRO C 237 13.92 8.39 7.30
N PHE C 238 15.14 8.42 7.81
CA PHE C 238 16.18 9.26 7.27
C PHE C 238 17.55 8.78 7.72
N ASP C 239 18.55 9.02 6.88
CA ASP C 239 19.94 8.78 7.24
C ASP C 239 20.50 9.96 8.03
N PHE C 240 21.02 9.69 9.23
CA PHE C 240 21.68 10.70 10.02
C PHE C 240 23.11 10.95 9.64
N PHE C 241 23.62 10.19 8.67
CA PHE C 241 24.88 10.33 8.11
C PHE C 241 24.84 9.73 6.74
N GLU C 242 25.43 10.41 5.78
CA GLU C 242 25.39 9.97 4.39
C GLU C 242 26.67 9.25 4.02
N GLU C 243 26.53 7.97 3.74
CA GLU C 243 27.62 7.13 3.29
C GLU C 243 27.37 6.74 1.82
N ASN C 247 24.67 2.24 1.91
CA ASN C 247 24.30 0.84 1.77
C ASN C 247 22.96 0.47 2.46
N GLY C 248 23.02 0.03 3.73
CA GLY C 248 21.85 -0.53 4.44
C GLY C 248 21.34 0.49 5.40
N ASN C 249 20.84 0.04 6.55
CA ASN C 249 20.25 0.89 7.55
C ASN C 249 21.18 1.23 8.75
N HIS C 250 22.47 1.05 8.57
CA HIS C 250 23.38 1.30 9.69
C HIS C 250 23.28 2.76 10.21
N TRP C 251 23.05 3.73 9.30
CA TRP C 251 22.92 5.14 9.69
C TRP C 251 21.53 5.69 9.62
N ARG C 252 20.55 4.86 9.91
CA ARG C 252 19.16 5.29 9.72
C ARG C 252 18.41 5.51 11.02
N TRP C 253 17.70 6.61 11.09
CA TRP C 253 16.77 6.89 12.17
C TRP C 253 15.37 7.09 11.56
N ALA C 254 14.39 7.37 12.40
CA ALA C 254 13.13 7.85 11.91
C ALA C 254 12.44 8.70 12.92
N ILE C 255 11.70 9.69 12.43
CA ILE C 255 10.82 10.48 13.29
C ILE C 255 9.41 9.83 13.22
N GLY C 256 8.78 9.67 14.36
CA GLY C 256 7.41 9.24 14.51
C GLY C 256 6.55 10.37 15.08
N LYS C 257 5.38 10.62 14.47
CA LYS C 257 4.41 11.58 15.00
C LYS C 257 3.00 11.04 14.89
N TYR C 258 2.21 11.20 15.97
CA TYR C 258 0.88 10.60 16.00
C TYR C 258 -0.14 11.57 16.55
N VAL C 259 -1.38 11.37 16.15
CA VAL C 259 -2.51 12.20 16.52
C VAL C 259 -3.72 11.30 16.80
N ASN C 260 -4.40 11.59 17.90
CA ASN C 260 -5.61 10.83 18.25
C ASN C 260 -6.69 10.92 17.17
N LYS C 261 -7.18 9.75 16.77
CA LYS C 261 -8.37 9.71 15.87
C LYS C 261 -9.53 10.52 16.43
N SER C 262 -9.73 10.48 17.76
CA SER C 262 -10.80 11.23 18.45
C SER C 262 -10.69 12.74 18.29
N LEU C 263 -9.46 13.21 18.07
CA LEU C 263 -9.21 14.61 17.82
C LEU C 263 -9.45 14.96 16.33
N VAL C 264 -9.03 14.07 15.45
CA VAL C 264 -9.16 14.30 14.03
C VAL C 264 -10.63 14.29 13.56
N PHE C 265 -11.40 13.37 14.09
CA PHE C 265 -12.81 13.25 13.73
C PHE C 265 -13.73 14.00 14.71
N LYS C 266 -13.17 14.72 15.66
CA LYS C 266 -13.92 15.56 16.62
C LYS C 266 -15.06 14.87 17.35
N GLU C 267 -14.70 13.85 18.13
CA GLU C 267 -15.64 13.11 18.97
C GLU C 267 -15.80 13.62 20.42
#